data_6EEM
#
_entry.id   6EEM
#
_cell.length_a   122.771
_cell.length_b   122.771
_cell.length_c   166.998
_cell.angle_alpha   90.000
_cell.angle_beta   90.000
_cell.angle_gamma   90.000
#
_symmetry.space_group_name_H-M   'P 41 21 2'
#
loop_
_entity.id
_entity.type
_entity.pdbx_description
1 polymer 'Tyrosine/dopa decarboxylase'
2 polymer 'Tyrosine/dopa decarboxylase'
3 non-polymer N-({3-hydroxy-2-methyl-5-[(phosphonooxy)methyl]pyridin-4-yl}methyl)-L-tyrosine
4 non-polymer 'SULFATE ION'
5 non-polymer TYROSINE
6 water water
#
loop_
_entity_poly.entity_id
_entity_poly.type
_entity_poly.pdbx_seq_one_letter_code
_entity_poly.pdbx_strand_id
1 'polypeptide(L)'
;MGSLPTNNLESISLCSQNPLDPDEFRRQGHMIIDFLADYYKNVEKYPVRSQVEPGYLKKRLPESAPYNPESIETILEDVT
NDIIPGLTHWQSPNYFAYFPSSGSIAGFLGEMLSTGFNVVGFNWMSSPAATELESIVMNWLGQMLTLPKSFLFSSDGSSG
GGGVLQGTTCEAILCTLTAARDKMLNKIGRENINKLVVYASDQTHCALQKAAQIAGINPKNVRAIKTSKATNFGLSPNSL
QSAILADIESGLVPLFLCATVGTTSSTAVDPIGPLCAVAKLYGIWVHIDAAYAGSACICPEFRHFIDGVEDADSFSLNAH
KWFFTTLDCCCLWVKDSDSLVKALSTSPEYLKNKATESKQVIDYKDWQIALSRRFRSMKLWLVLRSYGVANLRTFLRSHV
KMAKHFQGLIGMDNRFEIVVPRTFAMVCFRLKPTAIFKQKIVDNDYIEDQTNEVNVKLLESVNASGKIYMTHAVVGGVYM
IRFAVGATLTEERHVTGAWKVVQEHTDAILGA
;
A
2 'polypeptide(L)'
;MGSLPTNNLESISLCSQNPLDPDEFRRQGHMIIDFLADYYKNVEKYPVRSQVEPGYLKKRLPESAPYNPESIETILEDVT
NDIIPGLTHWQSPNYFAYFPSSGSIAGFLGEMLSTGFNVVGFNWMSSPAATELESIVMNWLGQMLTLPKSFLFSSDGSSG
GGGVLQGTTCEAILCTLTAARDKMLNKIGRENINKLVVYASDQTHCALQKAAQIAGINPKNVRAIKTSKATNFGLSPNSL
QSAILADIESGLVPLFLCATVGTTSSTAVDPIGPLCAVAKLYGIWVHIDAAYAGSACICPEFRHFIDGVEDADSFSLNAH
(LLP)WFFTTLDCCCLWVKDSDSLVKALSTSPEYLKNKATESKQVIDYKDWQIALSRRFRSMKLWLVLRSYGVANLRTFL
RSHVKMAKHFQGLIGMDNRFEIVVPRTFAMVCFRLKPTAIFKQKIVDNDYIEDQTNEVNVKLLESVNASGKIYMTHAVVG
GVYMIRFAVGATLTEERHVTGAWKVVQEHTDAILGA
;
B
#
# COMPACT_ATOMS: atom_id res chain seq x y z
N GLN A 17 25.09 -4.36 -18.87
CA GLN A 17 26.01 -3.77 -17.90
C GLN A 17 25.34 -3.56 -16.55
N ASN A 18 25.26 -2.30 -16.10
CA ASN A 18 24.67 -1.99 -14.81
C ASN A 18 23.15 -1.88 -14.93
N PRO A 19 22.38 -2.50 -14.03
CA PRO A 19 20.91 -2.42 -14.12
C PRO A 19 20.36 -1.02 -13.86
N LEU A 20 21.20 -0.03 -13.55
CA LEU A 20 20.76 1.34 -13.34
C LEU A 20 21.65 2.32 -14.10
N ASP A 21 22.26 1.87 -15.20
CA ASP A 21 23.12 2.70 -16.03
C ASP A 21 22.36 3.94 -16.53
N PRO A 22 22.85 5.15 -16.25
CA PRO A 22 22.05 6.35 -16.57
C PRO A 22 21.75 6.51 -18.05
N ASP A 23 22.68 6.15 -18.95
CA ASP A 23 22.40 6.25 -20.38
C ASP A 23 21.26 5.32 -20.78
N GLU A 24 21.36 4.04 -20.42
CA GLU A 24 20.31 3.09 -20.72
C GLU A 24 19.00 3.48 -20.05
N PHE A 25 19.09 4.03 -18.83
CA PHE A 25 17.89 4.52 -18.17
C PHE A 25 17.22 5.61 -18.99
N ARG A 26 17.98 6.61 -19.41
CA ARG A 26 17.45 7.69 -20.24
C ARG A 26 16.78 7.12 -21.49
N ARG A 27 17.47 6.22 -22.18
CA ARG A 27 16.95 5.68 -23.43
C ARG A 27 15.62 4.97 -23.21
N GLN A 28 15.61 3.98 -22.32
CA GLN A 28 14.40 3.19 -22.15
C GLN A 28 13.27 3.99 -21.51
N GLY A 29 13.60 4.98 -20.67
CA GLY A 29 12.56 5.83 -20.12
C GLY A 29 11.91 6.71 -21.17
N HIS A 30 12.71 7.26 -22.09
CA HIS A 30 12.14 8.00 -23.21
C HIS A 30 11.22 7.10 -24.03
N MET A 31 11.69 5.89 -24.35
CA MET A 31 10.85 4.95 -25.08
C MET A 31 9.52 4.73 -24.37
N ILE A 32 9.56 4.56 -23.05
CA ILE A 32 8.34 4.26 -22.30
C ILE A 32 7.40 5.46 -22.27
N ILE A 33 7.97 6.67 -22.13
CA ILE A 33 7.14 7.88 -22.23
C ILE A 33 6.42 7.92 -23.56
N ASP A 34 7.13 7.59 -24.65
CA ASP A 34 6.50 7.60 -25.97
C ASP A 34 5.40 6.55 -26.07
N PHE A 35 5.68 5.34 -25.58
CA PHE A 35 4.68 4.28 -25.60
C PHE A 35 3.40 4.70 -24.87
N LEU A 36 3.55 5.31 -23.70
CA LEU A 36 2.38 5.73 -22.94
C LEU A 36 1.66 6.90 -23.59
N ALA A 37 2.40 7.81 -24.22
CA ALA A 37 1.75 8.90 -24.94
C ALA A 37 0.91 8.36 -26.09
N ASP A 38 1.42 7.36 -26.81
CA ASP A 38 0.62 6.70 -27.83
C ASP A 38 -0.60 6.01 -27.21
N TYR A 39 -0.43 5.39 -26.04
CA TYR A 39 -1.59 4.80 -25.36
C TYR A 39 -2.69 5.82 -25.14
N TYR A 40 -2.33 6.99 -24.58
CA TYR A 40 -3.36 8.00 -24.33
C TYR A 40 -3.94 8.53 -25.65
N LYS A 41 -3.12 8.56 -26.70
CA LYS A 41 -3.62 9.04 -27.98
C LYS A 41 -4.62 8.06 -28.59
N ASN A 42 -4.49 6.76 -28.29
CA ASN A 42 -5.30 5.75 -28.96
C ASN A 42 -6.29 5.02 -28.05
N VAL A 43 -6.36 5.36 -26.76
CA VAL A 43 -7.15 4.55 -25.82
C VAL A 43 -8.62 4.51 -26.21
N GLU A 44 -9.15 5.57 -26.83
CA GLU A 44 -10.57 5.61 -27.14
C GLU A 44 -11.02 4.46 -28.04
N LYS A 45 -10.09 3.76 -28.69
CA LYS A 45 -10.42 2.78 -29.71
C LYS A 45 -10.68 1.38 -29.16
N TYR A 46 -10.12 1.03 -28.02
CA TYR A 46 -10.35 -0.29 -27.47
C TYR A 46 -11.75 -0.38 -26.86
N PRO A 47 -12.31 -1.58 -26.82
CA PRO A 47 -13.51 -1.78 -25.99
C PRO A 47 -13.18 -1.46 -24.54
N VAL A 48 -14.04 -0.65 -23.91
CA VAL A 48 -13.75 -0.18 -22.56
C VAL A 48 -13.57 -1.37 -21.61
N ARG A 49 -14.62 -2.17 -21.45
CA ARG A 49 -14.50 -3.36 -20.62
C ARG A 49 -13.76 -4.44 -21.40
N SER A 50 -12.77 -5.07 -20.75
CA SER A 50 -11.98 -6.09 -21.41
C SER A 50 -12.89 -7.21 -21.91
N GLN A 51 -12.53 -7.78 -23.05
CA GLN A 51 -13.35 -8.81 -23.68
C GLN A 51 -12.67 -10.17 -23.72
N VAL A 52 -11.50 -10.31 -23.09
CA VAL A 52 -10.77 -11.56 -23.10
C VAL A 52 -11.48 -12.59 -22.21
N GLU A 53 -11.20 -13.88 -22.48
N GLU A 53 -11.19 -13.88 -22.48
CA GLU A 53 -11.80 -14.83 -21.56
CA GLU A 53 -11.68 -14.97 -21.65
C GLU A 53 -10.82 -15.20 -20.45
C GLU A 53 -10.79 -15.14 -20.42
N PRO A 54 -11.35 -15.59 -19.30
CA PRO A 54 -10.50 -15.96 -18.17
C PRO A 54 -9.49 -17.02 -18.58
N GLY A 55 -8.27 -16.88 -18.09
CA GLY A 55 -7.19 -17.77 -18.45
C GLY A 55 -6.53 -17.47 -19.78
N TYR A 56 -6.83 -16.33 -20.39
CA TYR A 56 -6.30 -16.03 -21.71
C TYR A 56 -4.79 -15.87 -21.70
N LEU A 57 -4.24 -15.27 -20.63
CA LEU A 57 -2.86 -14.80 -20.68
C LEU A 57 -1.86 -15.92 -20.45
N LYS A 58 -2.13 -16.81 -19.50
CA LYS A 58 -1.27 -17.97 -19.30
C LYS A 58 -0.97 -18.68 -20.62
N LYS A 59 -1.98 -18.81 -21.49
CA LYS A 59 -1.74 -19.49 -22.77
C LYS A 59 -0.68 -18.78 -23.58
N ARG A 60 -0.51 -17.47 -23.40
CA ARG A 60 0.33 -16.68 -24.30
C ARG A 60 1.76 -16.49 -23.78
N LEU A 61 1.97 -16.51 -22.46
CA LEU A 61 3.29 -16.27 -21.91
C LEU A 61 3.96 -17.59 -21.52
N PRO A 62 5.30 -17.60 -21.46
CA PRO A 62 5.99 -18.81 -21.00
C PRO A 62 5.59 -19.14 -19.57
N GLU A 63 5.81 -20.40 -19.20
CA GLU A 63 5.45 -20.85 -17.86
C GLU A 63 6.58 -20.74 -16.86
N SER A 64 7.79 -20.38 -17.31
CA SER A 64 8.92 -20.14 -16.44
C SER A 64 9.57 -18.83 -16.84
N ALA A 65 10.35 -18.27 -15.91
CA ALA A 65 11.09 -17.06 -16.21
C ALA A 65 12.17 -17.35 -17.26
N PRO A 66 12.63 -16.32 -17.96
CA PRO A 66 13.67 -16.52 -18.96
C PRO A 66 15.05 -16.58 -18.30
N TYR A 67 15.90 -17.49 -18.80
CA TYR A 67 17.27 -17.55 -18.30
C TYR A 67 18.12 -16.46 -18.92
N ASN A 68 17.91 -16.17 -20.18
CA ASN A 68 18.62 -15.10 -20.85
C ASN A 68 17.83 -13.80 -20.79
N PRO A 69 18.50 -12.67 -20.99
CA PRO A 69 17.79 -11.39 -20.98
C PRO A 69 16.89 -11.26 -22.21
N GLU A 70 16.00 -10.26 -22.14
CA GLU A 70 15.11 -9.96 -23.25
C GLU A 70 15.10 -8.45 -23.47
N SER A 71 15.04 -8.05 -24.75
CA SER A 71 15.03 -6.64 -25.10
C SER A 71 13.79 -5.95 -24.56
N ILE A 72 13.94 -4.66 -24.23
CA ILE A 72 12.77 -3.87 -23.84
C ILE A 72 11.83 -3.69 -25.02
N GLU A 73 12.38 -3.70 -26.25
CA GLU A 73 11.53 -3.63 -27.43
C GLU A 73 10.59 -4.83 -27.51
N THR A 74 11.12 -6.03 -27.25
CA THR A 74 10.30 -7.24 -27.24
C THR A 74 9.26 -7.20 -26.14
N ILE A 75 9.65 -6.72 -24.95
CA ILE A 75 8.70 -6.64 -23.85
C ILE A 75 7.58 -5.66 -24.20
N LEU A 76 7.92 -4.51 -24.78
CA LEU A 76 6.89 -3.55 -25.18
C LEU A 76 5.94 -4.15 -26.21
N GLU A 77 6.49 -4.89 -27.17
CA GLU A 77 5.64 -5.58 -28.14
C GLU A 77 4.67 -6.52 -27.45
N ASP A 78 5.18 -7.31 -26.50
CA ASP A 78 4.31 -8.21 -25.74
C ASP A 78 3.27 -7.44 -24.92
N VAL A 79 3.61 -6.26 -24.42
CA VAL A 79 2.64 -5.45 -23.69
C VAL A 79 1.50 -5.04 -24.63
N THR A 80 1.85 -4.62 -25.84
CA THR A 80 0.83 -4.22 -26.81
C THR A 80 -0.06 -5.41 -27.16
N ASN A 81 0.54 -6.56 -27.45
CA ASN A 81 -0.22 -7.68 -28.01
C ASN A 81 -0.93 -8.51 -26.93
N ASP A 82 -0.33 -8.65 -25.74
CA ASP A 82 -0.79 -9.57 -24.71
C ASP A 82 -1.42 -8.88 -23.50
N ILE A 83 -0.98 -7.68 -23.16
CA ILE A 83 -1.42 -7.05 -21.92
C ILE A 83 -2.62 -6.16 -22.14
N ILE A 84 -2.49 -5.19 -23.04
CA ILE A 84 -3.55 -4.22 -23.31
C ILE A 84 -4.88 -4.91 -23.62
N PRO A 85 -4.91 -6.02 -24.38
CA PRO A 85 -6.21 -6.69 -24.58
C PRO A 85 -6.87 -7.10 -23.29
N GLY A 86 -6.08 -7.45 -22.27
CA GLY A 86 -6.60 -7.78 -20.96
C GLY A 86 -6.84 -6.60 -20.04
N LEU A 87 -6.81 -5.38 -20.56
CA LEU A 87 -7.06 -4.20 -19.74
C LEU A 87 -8.52 -3.78 -19.87
N THR A 88 -9.13 -3.45 -18.73
CA THR A 88 -10.34 -2.64 -18.70
C THR A 88 -9.90 -1.20 -18.53
N HIS A 89 -10.15 -0.36 -19.54
CA HIS A 89 -9.49 0.93 -19.66
C HIS A 89 -10.13 1.96 -18.73
N TRP A 90 -9.64 1.99 -17.49
CA TRP A 90 -10.11 2.94 -16.49
C TRP A 90 -9.94 4.39 -16.94
N GLN A 91 -9.00 4.66 -17.84
CA GLN A 91 -8.73 6.02 -18.25
C GLN A 91 -9.26 6.33 -19.66
N SER A 92 -10.02 5.41 -20.24
CA SER A 92 -10.75 5.73 -21.45
C SER A 92 -11.69 6.90 -21.18
N PRO A 93 -11.84 7.84 -22.13
CA PRO A 93 -12.84 8.90 -21.94
C PRO A 93 -14.25 8.36 -21.84
N ASN A 94 -14.50 7.14 -22.30
CA ASN A 94 -15.82 6.50 -22.25
C ASN A 94 -15.97 5.55 -21.07
N TYR A 95 -15.12 5.67 -20.05
CA TYR A 95 -15.21 4.85 -18.85
C TYR A 95 -16.03 5.61 -17.82
N PHE A 96 -17.15 5.01 -17.38
CA PHE A 96 -18.02 5.62 -16.38
C PHE A 96 -18.39 4.62 -15.29
N ALA A 97 -17.62 3.55 -15.14
CA ALA A 97 -17.89 2.51 -14.14
C ALA A 97 -17.35 2.91 -12.77
N TYR A 98 -17.90 2.26 -11.73
CA TYR A 98 -17.50 2.47 -10.35
C TYR A 98 -17.31 3.94 -10.03
N PHE A 99 -16.08 4.33 -9.70
CA PHE A 99 -15.65 5.70 -9.60
C PHE A 99 -14.38 5.88 -10.40
N PRO A 100 -14.08 7.11 -10.84
CA PRO A 100 -12.94 7.32 -11.74
C PRO A 100 -11.62 6.91 -11.11
N SER A 101 -10.72 6.43 -11.96
CA SER A 101 -9.31 6.32 -11.61
C SER A 101 -8.64 7.60 -12.13
N SER A 102 -8.83 8.67 -11.36
CA SER A 102 -8.46 10.02 -11.80
C SER A 102 -6.95 10.17 -11.83
N GLY A 103 -6.41 10.54 -12.99
CA GLY A 103 -4.99 10.78 -13.14
C GLY A 103 -4.72 12.06 -13.90
N SER A 104 -3.44 12.34 -14.06
CA SER A 104 -3.02 13.55 -14.76
C SER A 104 -1.55 13.43 -15.09
N ILE A 105 -1.11 14.29 -16.00
CA ILE A 105 0.32 14.43 -16.25
C ILE A 105 1.07 14.69 -14.94
N ALA A 106 0.57 15.64 -14.15
CA ALA A 106 1.26 16.03 -12.93
C ALA A 106 1.38 14.85 -11.97
N GLY A 107 0.30 14.10 -11.78
CA GLY A 107 0.37 12.94 -10.90
C GLY A 107 1.35 11.91 -11.40
N PHE A 108 1.34 11.66 -12.72
CA PHE A 108 2.30 10.72 -13.29
C PHE A 108 3.73 11.17 -13.02
N LEU A 109 3.99 12.48 -13.18
CA LEU A 109 5.34 12.97 -12.97
C LEU A 109 5.75 12.87 -11.49
N GLY A 110 4.80 13.13 -10.59
CA GLY A 110 5.10 12.95 -9.17
C GLY A 110 5.45 11.51 -8.84
N GLU A 111 4.68 10.57 -9.39
CA GLU A 111 5.00 9.16 -9.19
C GLU A 111 6.34 8.80 -9.83
N MET A 112 6.64 9.38 -10.99
CA MET A 112 7.94 9.17 -11.61
C MET A 112 9.06 9.59 -10.67
N LEU A 113 8.98 10.82 -10.17
CA LEU A 113 10.00 11.33 -9.25
C LEU A 113 10.12 10.44 -8.01
N SER A 114 8.99 10.09 -7.41
CA SER A 114 9.03 9.20 -6.25
C SER A 114 9.79 7.91 -6.57
N THR A 115 9.33 7.19 -7.60
CA THR A 115 9.95 5.91 -7.96
C THR A 115 11.40 6.08 -8.38
N GLY A 116 11.76 7.23 -8.92
CA GLY A 116 13.12 7.45 -9.38
C GLY A 116 14.08 7.69 -8.23
N PHE A 117 13.63 8.42 -7.22
CA PHE A 117 14.42 8.54 -5.99
C PHE A 117 14.41 7.24 -5.21
N ASN A 118 13.28 6.53 -5.23
CA ASN A 118 13.13 5.23 -4.58
C ASN A 118 13.70 5.24 -3.16
N VAL A 119 13.19 6.17 -2.36
CA VAL A 119 13.57 6.30 -0.95
C VAL A 119 12.44 5.77 -0.08
N VAL A 120 12.82 5.17 1.05
CA VAL A 120 11.88 4.66 2.05
C VAL A 120 11.82 5.66 3.20
N GLY A 121 10.62 6.10 3.54
CA GLY A 121 10.48 7.14 4.54
C GLY A 121 9.76 6.74 5.81
N PHE A 122 10.19 5.63 6.42
CA PHE A 122 9.63 5.24 7.71
C PHE A 122 10.13 6.14 8.83
N ASN A 123 11.34 6.66 8.71
CA ASN A 123 11.90 7.69 9.56
C ASN A 123 11.73 9.05 8.91
N TRP A 124 11.80 10.10 9.74
CA TRP A 124 12.18 11.40 9.21
C TRP A 124 13.59 11.34 8.64
N MET A 125 14.51 10.76 9.40
CA MET A 125 15.90 10.68 8.99
C MET A 125 16.06 9.95 7.66
N SER A 126 15.20 8.96 7.39
CA SER A 126 15.31 8.19 6.16
C SER A 126 14.98 9.00 4.91
N SER A 127 14.44 10.21 5.07
CA SER A 127 14.35 11.21 4.02
C SER A 127 13.47 12.36 4.50
N PRO A 128 14.03 13.34 5.20
CA PRO A 128 13.19 14.40 5.77
C PRO A 128 12.20 15.01 4.79
N ALA A 129 12.56 15.11 3.51
CA ALA A 129 11.67 15.72 2.53
C ALA A 129 10.35 14.96 2.43
N ALA A 130 10.39 13.63 2.37
CA ALA A 130 9.17 12.85 2.31
C ALA A 130 8.21 13.22 3.44
N THR A 131 8.68 13.06 4.68
CA THR A 131 7.87 13.39 5.85
C THR A 131 7.35 14.83 5.81
N GLU A 132 8.26 15.81 5.67
CA GLU A 132 7.85 17.20 5.79
C GLU A 132 6.94 17.62 4.66
N LEU A 133 7.26 17.24 3.42
CA LEU A 133 6.40 17.58 2.29
C LEU A 133 5.03 16.94 2.43
N GLU A 134 4.96 15.73 2.97
CA GLU A 134 3.65 15.14 3.23
C GLU A 134 2.85 16.02 4.18
N SER A 135 3.45 16.41 5.31
CA SER A 135 2.73 17.28 6.24
C SER A 135 2.25 18.56 5.55
N ILE A 136 3.15 19.22 4.83
CA ILE A 136 2.84 20.50 4.19
C ILE A 136 1.67 20.33 3.23
N VAL A 137 1.72 19.28 2.40
CA VAL A 137 0.71 19.11 1.37
C VAL A 137 -0.63 18.71 1.97
N MET A 138 -0.61 17.92 3.06
CA MET A 138 -1.85 17.62 3.77
C MET A 138 -2.48 18.89 4.33
N ASN A 139 -1.65 19.80 4.85
CA ASN A 139 -2.18 21.08 5.29
C ASN A 139 -2.79 21.84 4.11
N TRP A 140 -2.07 21.91 2.99
CA TRP A 140 -2.59 22.60 1.81
C TRP A 140 -3.98 22.09 1.45
N LEU A 141 -4.11 20.78 1.31
CA LEU A 141 -5.36 20.19 0.84
C LEU A 141 -6.46 20.33 1.88
N GLY A 142 -6.15 20.08 3.15
CA GLY A 142 -7.12 20.31 4.20
C GLY A 142 -7.62 21.74 4.24
N GLN A 143 -6.74 22.71 3.94
CA GLN A 143 -7.15 24.10 3.88
C GLN A 143 -8.06 24.35 2.68
N MET A 144 -7.73 23.75 1.53
CA MET A 144 -8.62 23.86 0.38
C MET A 144 -10.00 23.26 0.69
N LEU A 145 -10.06 22.26 1.56
CA LEU A 145 -11.33 21.65 1.94
C LEU A 145 -12.07 22.42 3.04
N THR A 146 -11.40 23.35 3.71
CA THR A 146 -11.99 24.05 4.86
C THR A 146 -12.17 23.12 6.05
N LEU A 147 -11.35 22.08 6.12
CA LEU A 147 -11.34 21.26 7.32
C LEU A 147 -11.05 22.16 8.53
N PRO A 148 -11.64 21.87 9.68
CA PRO A 148 -11.32 22.65 10.88
C PRO A 148 -9.84 22.55 11.18
N LYS A 149 -9.31 23.59 11.83
CA LYS A 149 -7.91 23.56 12.23
C LYS A 149 -7.61 22.38 13.12
N SER A 150 -8.60 21.93 13.90
CA SER A 150 -8.39 20.77 14.76
C SER A 150 -7.96 19.54 13.98
N PHE A 151 -8.08 19.55 12.65
CA PHE A 151 -7.69 18.46 11.79
C PHE A 151 -6.33 18.67 11.14
N LEU A 152 -5.75 19.86 11.24
CA LEU A 152 -4.55 20.21 10.51
C LEU A 152 -3.37 20.37 11.46
N PHE A 153 -2.17 20.45 10.89
CA PHE A 153 -0.96 20.55 11.70
C PHE A 153 -0.86 21.95 12.31
N SER A 154 -0.81 22.00 13.64
CA SER A 154 -0.49 23.26 14.32
C SER A 154 0.90 23.69 13.90
N SER A 155 1.01 24.96 13.47
CA SER A 155 2.34 25.49 13.14
C SER A 155 3.28 25.41 14.33
N ASP A 156 2.74 25.46 15.55
CA ASP A 156 3.51 25.42 16.78
C ASP A 156 3.78 24.00 17.28
N GLY A 157 3.31 22.98 16.57
CA GLY A 157 3.42 21.61 17.05
C GLY A 157 2.46 21.32 18.19
N GLY A 160 -1.72 19.22 17.85
CA GLY A 160 -3.12 18.84 17.95
C GLY A 160 -3.52 17.72 17.01
N GLY A 161 -3.96 18.08 15.81
CA GLY A 161 -4.36 17.13 14.80
C GLY A 161 -3.30 16.96 13.72
N GLY A 162 -3.72 16.42 12.59
CA GLY A 162 -2.80 16.26 11.49
C GLY A 162 -3.28 15.22 10.50
N GLY A 163 -2.55 15.15 9.39
CA GLY A 163 -2.93 14.28 8.29
C GLY A 163 -1.79 13.42 7.82
N VAL A 164 -2.15 12.30 7.20
CA VAL A 164 -1.22 11.29 6.72
C VAL A 164 -1.73 10.74 5.40
N LEU A 165 -0.80 10.46 4.49
CA LEU A 165 -1.10 9.80 3.24
C LEU A 165 -1.03 8.29 3.43
N GLN A 166 -1.87 7.58 2.68
CA GLN A 166 -1.94 6.13 2.75
C GLN A 166 -2.31 5.63 1.37
N GLY A 167 -2.45 4.31 1.25
CA GLY A 167 -2.84 3.71 0.00
C GLY A 167 -4.33 3.75 -0.26
N THR A 168 -5.13 3.26 0.68
CA THR A 168 -6.54 2.99 0.44
C THR A 168 -7.41 3.56 1.56
N THR A 169 -8.71 3.64 1.29
CA THR A 169 -9.66 3.99 2.33
C THR A 169 -9.77 2.87 3.36
N CYS A 170 -9.62 1.62 2.93
CA CYS A 170 -9.62 0.53 3.89
C CYS A 170 -8.51 0.70 4.92
N GLU A 171 -7.32 1.11 4.48
CA GLU A 171 -6.24 1.33 5.42
C GLU A 171 -6.55 2.48 6.38
N ALA A 172 -7.14 3.57 5.87
CA ALA A 172 -7.49 4.68 6.75
C ALA A 172 -8.50 4.26 7.80
N ILE A 173 -9.52 3.51 7.38
CA ILE A 173 -10.56 3.10 8.32
C ILE A 173 -9.99 2.11 9.32
N LEU A 174 -9.14 1.18 8.86
CA LEU A 174 -8.48 0.26 9.78
C LEU A 174 -7.64 1.02 10.81
N CYS A 175 -6.94 2.06 10.38
CA CYS A 175 -6.14 2.84 11.32
C CYS A 175 -7.00 3.53 12.36
N THR A 176 -8.02 4.27 11.91
CA THR A 176 -8.84 5.00 12.88
C THR A 176 -9.60 4.04 13.78
N LEU A 177 -10.03 2.90 13.24
CA LEU A 177 -10.76 1.93 14.05
C LEU A 177 -9.84 1.28 15.07
N THR A 178 -8.61 0.96 14.68
CA THR A 178 -7.63 0.48 15.64
C THR A 178 -7.38 1.51 16.74
N ALA A 179 -7.25 2.79 16.36
CA ALA A 179 -7.06 3.82 17.36
C ALA A 179 -8.22 3.87 18.34
N ALA A 180 -9.46 3.89 17.82
CA ALA A 180 -10.62 3.97 18.70
C ALA A 180 -10.75 2.74 19.57
N ARG A 181 -10.56 1.55 18.98
CA ARG A 181 -10.60 0.31 19.73
C ARG A 181 -9.59 0.32 20.87
N ASP A 182 -8.34 0.63 20.58
CA ASP A 182 -7.33 0.63 21.64
C ASP A 182 -7.58 1.73 22.66
N LYS A 183 -8.08 2.89 22.24
CA LYS A 183 -8.36 3.95 23.20
C LYS A 183 -9.46 3.54 24.15
N MET A 184 -10.47 2.82 23.65
CA MET A 184 -11.53 2.33 24.52
C MET A 184 -11.03 1.20 25.42
N LEU A 185 -10.34 0.22 24.84
CA LEU A 185 -9.93 -0.95 25.62
C LEU A 185 -8.89 -0.58 26.66
N ASN A 186 -8.06 0.45 26.40
CA ASN A 186 -7.13 0.91 27.43
C ASN A 186 -7.88 1.36 28.67
N LYS A 187 -9.10 1.85 28.50
CA LYS A 187 -9.89 2.29 29.65
C LYS A 187 -10.65 1.13 30.29
N ILE A 188 -11.30 0.29 29.47
CA ILE A 188 -12.25 -0.68 30.04
C ILE A 188 -11.72 -2.11 30.09
N GLY A 189 -10.54 -2.38 29.51
CA GLY A 189 -10.00 -3.73 29.54
C GLY A 189 -10.21 -4.51 28.26
N ARG A 190 -9.16 -5.18 27.78
CA ARG A 190 -9.26 -5.88 26.49
C ARG A 190 -10.28 -7.01 26.51
N GLU A 191 -10.65 -7.52 27.69
CA GLU A 191 -11.66 -8.57 27.73
C GLU A 191 -12.98 -8.13 27.10
N ASN A 192 -13.18 -6.83 26.92
CA ASN A 192 -14.39 -6.29 26.30
C ASN A 192 -14.31 -6.21 24.77
N ILE A 193 -13.25 -6.75 24.15
CA ILE A 193 -13.11 -6.63 22.70
C ILE A 193 -14.33 -7.18 21.98
N ASN A 194 -14.95 -8.22 22.53
CA ASN A 194 -16.09 -8.85 21.85
C ASN A 194 -17.41 -8.15 22.09
N LYS A 195 -17.41 -7.05 22.85
CA LYS A 195 -18.60 -6.26 23.06
C LYS A 195 -18.54 -4.91 22.34
N LEU A 196 -17.43 -4.59 21.70
CA LEU A 196 -17.32 -3.35 20.95
C LEU A 196 -18.21 -3.40 19.71
N VAL A 197 -18.98 -2.34 19.47
CA VAL A 197 -19.92 -2.26 18.35
C VAL A 197 -19.45 -1.18 17.39
N VAL A 198 -19.54 -1.50 16.10
CA VAL A 198 -19.18 -0.59 15.01
C VAL A 198 -20.45 -0.33 14.21
N TYR A 199 -20.82 0.95 14.07
CA TYR A 199 -22.04 1.33 13.37
C TYR A 199 -21.74 1.84 11.97
N ALA A 200 -22.59 1.48 11.02
CA ALA A 200 -22.49 1.94 9.64
C ALA A 200 -23.90 1.84 9.05
N SER A 201 -24.06 2.37 7.84
CA SER A 201 -25.33 2.21 7.15
C SER A 201 -25.25 1.02 6.19
N ASP A 202 -26.42 0.57 5.71
CA ASP A 202 -26.41 -0.57 4.81
C ASP A 202 -25.93 -0.21 3.41
N GLN A 203 -25.53 1.05 3.20
CA GLN A 203 -24.83 1.49 2.00
C GLN A 203 -23.33 1.58 2.21
N THR A 204 -22.86 1.45 3.46
CA THR A 204 -21.46 1.71 3.75
C THR A 204 -20.57 0.70 3.04
N HIS A 205 -19.46 1.20 2.53
CA HIS A 205 -18.55 0.39 1.72
C HIS A 205 -18.03 -0.79 2.53
N CYS A 206 -17.88 -1.92 1.86
CA CYS A 206 -17.39 -3.11 2.56
C CYS A 206 -16.00 -2.91 3.15
N ALA A 207 -15.26 -1.89 2.69
CA ALA A 207 -13.96 -1.61 3.28
C ALA A 207 -14.04 -1.44 4.78
N LEU A 208 -15.22 -1.09 5.31
CA LEU A 208 -15.40 -0.96 6.75
C LEU A 208 -15.56 -2.32 7.40
N GLN A 209 -16.43 -3.17 6.85
CA GLN A 209 -16.62 -4.50 7.41
C GLN A 209 -15.32 -5.29 7.43
N LYS A 210 -14.50 -5.12 6.41
CA LYS A 210 -13.19 -5.76 6.38
C LYS A 210 -12.29 -5.25 7.51
N ALA A 211 -12.25 -3.92 7.69
CA ALA A 211 -11.47 -3.34 8.78
C ALA A 211 -11.92 -3.88 10.13
N ALA A 212 -13.24 -3.96 10.32
CA ALA A 212 -13.77 -4.50 11.57
C ALA A 212 -13.34 -5.94 11.77
N GLN A 213 -13.37 -6.75 10.71
CA GLN A 213 -12.97 -8.14 10.85
C GLN A 213 -11.48 -8.25 11.19
N ILE A 214 -10.65 -7.49 10.49
CA ILE A 214 -9.21 -7.53 10.74
C ILE A 214 -8.91 -7.10 12.17
N ALA A 215 -9.52 -5.99 12.61
CA ALA A 215 -9.19 -5.44 13.92
C ALA A 215 -9.71 -6.29 15.08
N GLY A 216 -10.35 -7.42 14.82
CA GLY A 216 -10.81 -8.28 15.87
C GLY A 216 -12.20 -7.99 16.37
N ILE A 217 -12.89 -7.00 15.79
CA ILE A 217 -14.29 -6.75 16.15
C ILE A 217 -15.12 -7.99 15.82
N ASN A 218 -15.99 -8.35 16.75
CA ASN A 218 -16.79 -9.56 16.57
C ASN A 218 -17.83 -9.34 15.49
N PRO A 219 -18.00 -10.27 14.56
CA PRO A 219 -18.92 -10.03 13.42
C PRO A 219 -20.35 -9.75 13.85
N LYS A 220 -20.83 -10.36 14.95
CA LYS A 220 -22.16 -10.06 15.45
C LYS A 220 -22.32 -8.61 15.91
N ASN A 221 -21.27 -7.79 15.87
CA ASN A 221 -21.29 -6.47 16.48
C ASN A 221 -21.01 -5.35 15.49
N VAL A 222 -21.16 -5.62 14.19
CA VAL A 222 -21.09 -4.58 13.18
C VAL A 222 -22.52 -4.33 12.68
N ARG A 223 -23.09 -3.19 13.05
CA ARG A 223 -24.45 -2.84 12.67
C ARG A 223 -24.45 -2.20 11.28
N ALA A 224 -25.14 -2.83 10.33
CA ALA A 224 -25.43 -2.22 9.03
C ALA A 224 -26.87 -1.68 9.09
N ILE A 225 -27.00 -0.47 9.62
CA ILE A 225 -28.31 0.10 9.90
C ILE A 225 -29.07 0.32 8.59
N LYS A 226 -30.33 -0.10 8.56
CA LYS A 226 -31.13 -0.07 7.34
C LYS A 226 -31.50 1.36 6.95
N THR A 227 -31.51 1.62 5.65
CA THR A 227 -31.87 2.93 5.12
C THR A 227 -32.90 2.76 4.02
N SER A 228 -33.63 3.84 3.73
CA SER A 228 -34.73 3.79 2.78
C SER A 228 -34.69 5.01 1.87
N LYS A 229 -35.60 5.01 0.88
CA LYS A 229 -35.75 6.14 -0.02
C LYS A 229 -36.16 7.41 0.73
N ALA A 230 -36.66 7.28 1.96
CA ALA A 230 -37.16 8.44 2.68
C ALA A 230 -36.04 9.42 3.01
N THR A 231 -34.81 8.93 3.18
CA THR A 231 -33.64 9.78 3.38
C THR A 231 -32.66 9.65 2.23
N ASN A 232 -33.13 9.19 1.08
CA ASN A 232 -32.28 8.96 -0.08
C ASN A 232 -31.12 8.05 0.29
N PHE A 233 -31.40 7.10 1.19
CA PHE A 233 -30.48 6.06 1.61
C PHE A 233 -29.29 6.62 2.37
N GLY A 234 -29.42 7.83 2.91
CA GLY A 234 -28.49 8.30 3.91
C GLY A 234 -28.88 7.80 5.29
N LEU A 235 -27.88 7.61 6.14
CA LEU A 235 -28.12 7.09 7.47
C LEU A 235 -28.92 8.10 8.30
N SER A 236 -29.96 7.63 8.94
CA SER A 236 -30.85 8.51 9.69
C SER A 236 -30.40 8.60 11.15
N PRO A 237 -30.28 9.81 11.71
CA PRO A 237 -29.88 9.91 13.12
C PRO A 237 -30.76 9.10 14.08
N ASN A 238 -32.08 9.08 13.87
CA ASN A 238 -32.96 8.32 14.75
C ASN A 238 -32.68 6.82 14.68
N SER A 239 -32.42 6.29 13.48
CA SER A 239 -32.06 4.88 13.37
C SER A 239 -30.77 4.59 14.11
N LEU A 240 -29.76 5.43 13.92
CA LEU A 240 -28.49 5.25 14.63
C LEU A 240 -28.71 5.30 16.14
N GLN A 241 -29.55 6.20 16.62
CA GLN A 241 -29.73 6.32 18.05
C GLN A 241 -30.49 5.13 18.62
N SER A 242 -31.52 4.66 17.92
CA SER A 242 -32.18 3.42 18.33
C SER A 242 -31.19 2.28 18.40
N ALA A 243 -30.34 2.14 17.37
CA ALA A 243 -29.35 1.07 17.39
C ALA A 243 -28.44 1.18 18.61
N ILE A 244 -27.86 2.37 18.83
CA ILE A 244 -26.93 2.56 19.94
C ILE A 244 -27.61 2.27 21.27
N LEU A 245 -28.85 2.75 21.44
CA LEU A 245 -29.53 2.52 22.71
C LEU A 245 -29.79 1.04 22.93
N ALA A 246 -30.22 0.34 21.88
CA ALA A 246 -30.44 -1.10 21.98
C ALA A 246 -29.16 -1.82 22.35
N ASP A 247 -28.04 -1.39 21.78
CA ASP A 247 -26.76 -2.01 22.09
C ASP A 247 -26.34 -1.74 23.53
N ILE A 248 -26.61 -0.53 24.02
CA ILE A 248 -26.30 -0.23 25.42
C ILE A 248 -27.15 -1.09 26.34
N GLU A 249 -28.43 -1.29 25.98
CA GLU A 249 -29.32 -2.12 26.78
C GLU A 249 -28.84 -3.58 26.84
N SER A 250 -28.22 -4.07 25.76
CA SER A 250 -27.67 -5.41 25.72
C SER A 250 -26.35 -5.53 26.48
N GLY A 251 -25.88 -4.46 27.12
CA GLY A 251 -24.60 -4.51 27.78
C GLY A 251 -23.41 -4.43 26.84
N LEU A 252 -23.60 -3.97 25.61
CA LEU A 252 -22.51 -3.83 24.67
C LEU A 252 -21.89 -2.44 24.75
N VAL A 253 -20.79 -2.25 24.03
CA VAL A 253 -19.96 -1.06 24.14
C VAL A 253 -19.90 -0.39 22.78
N PRO A 254 -20.71 0.64 22.55
CA PRO A 254 -20.64 1.35 21.27
C PRO A 254 -19.26 1.98 21.11
N LEU A 255 -18.73 1.95 19.88
CA LEU A 255 -17.33 2.31 19.71
C LEU A 255 -17.11 3.29 18.56
N PHE A 256 -17.66 2.98 17.39
CA PHE A 256 -17.16 3.53 16.14
C PHE A 256 -18.30 3.63 15.13
N LEU A 257 -18.48 4.83 14.60
CA LEU A 257 -19.42 5.10 13.53
C LEU A 257 -18.64 5.52 12.28
N CYS A 258 -19.04 4.97 11.14
CA CYS A 258 -18.51 5.36 9.84
C CYS A 258 -19.65 6.01 9.06
N ALA A 259 -19.58 7.32 8.88
CA ALA A 259 -20.54 8.07 8.09
C ALA A 259 -19.92 8.38 6.74
N THR A 260 -20.66 8.13 5.67
CA THR A 260 -20.13 8.22 4.31
C THR A 260 -20.70 9.46 3.61
N VAL A 261 -19.83 10.20 2.94
CA VAL A 261 -20.23 11.28 2.04
C VAL A 261 -19.97 10.79 0.61
N GLY A 262 -21.03 10.42 -0.08
CA GLY A 262 -20.95 9.89 -1.43
C GLY A 262 -20.80 8.39 -1.45
N THR A 263 -21.87 7.66 -1.14
CA THR A 263 -21.78 6.21 -1.08
C THR A 263 -21.51 5.63 -2.46
N THR A 264 -20.98 4.40 -2.47
CA THR A 264 -20.62 3.77 -3.73
C THR A 264 -21.84 3.60 -4.63
N SER A 265 -22.95 3.12 -4.06
CA SER A 265 -24.09 2.70 -4.88
C SER A 265 -24.77 3.90 -5.56
N SER A 266 -25.18 4.90 -4.77
CA SER A 266 -25.97 6.01 -5.31
C SER A 266 -25.43 7.37 -4.93
N THR A 267 -24.19 7.44 -4.44
CA THR A 267 -23.62 8.67 -3.88
C THR A 267 -24.62 9.37 -2.95
N ALA A 268 -25.23 8.59 -2.07
CA ALA A 268 -25.97 9.16 -0.96
C ALA A 268 -25.01 9.84 0.00
N VAL A 269 -25.57 10.69 0.87
CA VAL A 269 -24.77 11.49 1.78
C VAL A 269 -25.36 11.35 3.19
N ASP A 270 -24.66 10.63 4.05
CA ASP A 270 -25.05 10.62 5.46
C ASP A 270 -24.94 12.04 6.02
N PRO A 271 -25.90 12.46 6.84
CA PRO A 271 -25.81 13.79 7.46
C PRO A 271 -24.85 13.85 8.65
N ILE A 272 -23.63 14.34 8.42
CA ILE A 272 -22.58 14.29 9.44
C ILE A 272 -23.00 15.01 10.73
N GLY A 273 -23.65 16.17 10.61
CA GLY A 273 -23.97 16.96 11.77
C GLY A 273 -24.73 16.23 12.87
N PRO A 274 -25.99 15.88 12.61
CA PRO A 274 -26.77 15.19 13.64
C PRO A 274 -26.25 13.80 13.95
N LEU A 275 -25.59 13.13 13.01
CA LEU A 275 -24.98 11.84 13.33
C LEU A 275 -23.90 12.01 14.40
N CYS A 276 -23.05 13.03 14.26
CA CYS A 276 -22.06 13.32 15.30
C CYS A 276 -22.75 13.75 16.60
N ALA A 277 -23.86 14.49 16.50
CA ALA A 277 -24.55 14.90 17.72
C ALA A 277 -25.05 13.68 18.49
N VAL A 278 -25.52 12.66 17.77
CA VAL A 278 -25.93 11.42 18.45
C VAL A 278 -24.69 10.69 18.98
N ALA A 279 -23.65 10.57 18.16
CA ALA A 279 -22.45 9.86 18.56
C ALA A 279 -21.82 10.47 19.81
N LYS A 280 -21.73 11.80 19.87
CA LYS A 280 -21.02 12.43 20.98
C LYS A 280 -21.70 12.12 22.32
N LEU A 281 -23.00 11.85 22.30
CA LEU A 281 -23.69 11.46 23.52
C LEU A 281 -23.12 10.17 24.11
N TYR A 282 -22.45 9.35 23.30
CA TYR A 282 -22.00 8.04 23.76
C TYR A 282 -20.50 7.85 23.59
N GLY A 283 -19.76 8.91 23.30
CA GLY A 283 -18.33 8.81 23.12
C GLY A 283 -17.91 7.96 21.94
N ILE A 284 -18.74 7.89 20.91
CA ILE A 284 -18.43 7.09 19.73
C ILE A 284 -17.48 7.86 18.82
N TRP A 285 -16.46 7.17 18.32
CA TRP A 285 -15.52 7.76 17.38
C TRP A 285 -16.20 7.84 16.01
N VAL A 286 -16.27 9.03 15.43
CA VAL A 286 -16.89 9.21 14.12
C VAL A 286 -15.82 9.41 13.06
N HIS A 287 -15.83 8.53 12.06
CA HIS A 287 -14.97 8.67 10.89
C HIS A 287 -15.83 9.02 9.70
N ILE A 288 -15.39 10.01 8.93
CA ILE A 288 -16.09 10.46 7.73
C ILE A 288 -15.36 9.90 6.52
N ASP A 289 -15.98 8.91 5.89
CA ASP A 289 -15.50 8.32 4.65
C ASP A 289 -16.08 9.14 3.50
N ALA A 290 -15.24 9.96 2.88
CA ALA A 290 -15.60 10.76 1.72
C ALA A 290 -14.75 10.38 0.52
N ALA A 291 -14.45 9.08 0.40
CA ALA A 291 -13.45 8.59 -0.55
C ALA A 291 -13.58 9.24 -1.92
N TYR A 292 -14.78 9.24 -2.50
CA TYR A 292 -14.99 9.80 -3.83
C TYR A 292 -15.31 11.29 -3.75
N ALA A 293 -16.41 11.66 -3.07
CA ALA A 293 -16.95 13.02 -3.17
C ALA A 293 -16.14 14.04 -2.39
N GLY A 294 -15.26 13.60 -1.47
CA GLY A 294 -14.53 14.54 -0.64
C GLY A 294 -13.82 15.63 -1.44
N SER A 295 -13.13 15.23 -2.50
CA SER A 295 -12.40 16.20 -3.32
C SER A 295 -13.31 17.35 -3.75
N ALA A 296 -14.55 17.04 -4.11
CA ALA A 296 -15.46 18.08 -4.59
C ALA A 296 -15.59 19.25 -3.62
N CYS A 297 -15.32 19.05 -2.34
CA CYS A 297 -15.50 20.12 -1.36
C CYS A 297 -14.42 21.18 -1.44
N ILE A 298 -13.41 21.06 -2.31
CA ILE A 298 -12.51 22.19 -2.51
C ILE A 298 -13.21 23.34 -3.20
N CYS A 299 -14.39 23.10 -3.77
CA CYS A 299 -15.28 24.12 -4.32
C CYS A 299 -16.20 24.63 -3.22
N PRO A 300 -16.36 25.95 -3.07
CA PRO A 300 -17.29 26.45 -2.05
C PRO A 300 -18.69 25.84 -2.15
N GLU A 301 -19.27 25.79 -3.36
CA GLU A 301 -20.65 25.34 -3.49
C GLU A 301 -20.84 23.89 -3.05
N PHE A 302 -19.77 23.14 -2.77
CA PHE A 302 -19.92 21.77 -2.30
C PHE A 302 -19.56 21.59 -0.83
N ARG A 303 -18.96 22.60 -0.19
N ARG A 303 -18.95 22.60 -0.19
CA ARG A 303 -18.49 22.44 1.18
CA ARG A 303 -18.49 22.45 1.19
C ARG A 303 -19.63 22.02 2.12
C ARG A 303 -19.62 22.01 2.12
N HIS A 304 -20.86 22.44 1.83
CA HIS A 304 -21.99 22.10 2.69
C HIS A 304 -22.15 20.59 2.85
N PHE A 305 -21.62 19.78 1.94
CA PHE A 305 -21.80 18.35 2.09
C PHE A 305 -21.04 17.79 3.28
N ILE A 306 -20.08 18.53 3.85
CA ILE A 306 -19.36 18.00 5.00
C ILE A 306 -19.52 18.93 6.20
N ASP A 307 -20.68 19.59 6.29
CA ASP A 307 -20.96 20.42 7.45
C ASP A 307 -20.99 19.57 8.71
N GLY A 308 -20.39 20.09 9.78
CA GLY A 308 -20.31 19.37 11.02
C GLY A 308 -19.11 18.47 11.16
N VAL A 309 -18.24 18.41 10.15
CA VAL A 309 -16.99 17.67 10.27
C VAL A 309 -16.23 18.07 11.53
N GLU A 310 -16.43 19.30 12.00
CA GLU A 310 -15.74 19.74 13.22
C GLU A 310 -16.15 18.91 14.43
N ASP A 311 -17.35 18.33 14.42
CA ASP A 311 -17.83 17.48 15.50
C ASP A 311 -17.48 16.01 15.29
N ALA A 312 -16.62 15.68 14.33
CA ALA A 312 -16.20 14.31 14.05
C ALA A 312 -14.77 14.10 14.53
N ASP A 313 -14.27 12.88 14.35
CA ASP A 313 -12.96 12.50 14.86
C ASP A 313 -11.94 12.22 13.77
N SER A 314 -12.35 11.74 12.61
CA SER A 314 -11.40 11.58 11.52
C SER A 314 -12.11 11.76 10.18
N PHE A 315 -11.32 12.00 9.15
CA PHE A 315 -11.85 12.32 7.83
C PHE A 315 -10.92 11.78 6.77
N SER A 316 -11.47 11.19 5.72
CA SER A 316 -10.61 10.69 4.66
C SER A 316 -11.26 10.84 3.29
N LEU A 317 -10.41 11.00 2.29
CA LEU A 317 -10.84 10.93 0.89
C LEU A 317 -9.77 10.20 0.10
N ASN A 318 -10.11 9.80 -1.13
CA ASN A 318 -9.16 9.15 -2.03
C ASN A 318 -8.84 10.14 -3.15
N ALA A 319 -7.63 10.70 -3.11
CA ALA A 319 -7.22 11.61 -4.16
C ALA A 319 -7.11 10.93 -5.51
N HIS A 320 -6.99 9.61 -5.55
CA HIS A 320 -6.92 8.88 -6.82
C HIS A 320 -8.28 8.63 -7.44
N LYS A 321 -9.37 8.94 -6.73
CA LYS A 321 -10.71 8.80 -7.26
C LYS A 321 -11.20 10.05 -7.97
N TRP A 322 -10.98 11.22 -7.39
CA TRP A 322 -11.48 12.44 -7.99
C TRP A 322 -10.53 13.61 -7.78
N PHE A 323 -9.22 13.34 -7.73
CA PHE A 323 -8.27 14.43 -7.55
C PHE A 323 -6.97 14.20 -8.33
N PHE A 324 -7.02 13.42 -9.40
CA PHE A 324 -6.02 13.45 -10.47
C PHE A 324 -4.64 12.99 -10.04
N THR A 325 -4.49 12.33 -8.89
CA THR A 325 -3.16 12.01 -8.40
C THR A 325 -2.54 10.79 -9.08
N THR A 326 -3.36 9.91 -9.58
CA THR A 326 -2.83 8.65 -10.04
C THR A 326 -2.96 7.69 -8.84
N LEU A 327 -2.95 6.39 -9.14
CA LEU A 327 -3.07 5.37 -8.12
C LEU A 327 -1.74 5.08 -7.44
N ASP A 328 -1.73 5.13 -6.11
CA ASP A 328 -2.92 5.50 -5.35
C ASP A 328 -2.57 6.50 -4.26
N CYS A 329 -3.58 7.20 -3.74
CA CYS A 329 -3.37 8.19 -2.70
C CYS A 329 -4.62 8.49 -1.88
N CYS A 330 -4.61 8.06 -0.63
CA CYS A 330 -5.74 8.29 0.27
C CYS A 330 -5.30 9.23 1.38
N CYS A 331 -5.98 10.36 1.51
CA CYS A 331 -5.66 11.34 2.53
C CYS A 331 -6.53 11.11 3.76
N LEU A 332 -5.88 11.04 4.94
CA LEU A 332 -6.57 10.85 6.20
C LEU A 332 -6.15 11.95 7.17
N TRP A 333 -7.12 12.70 7.70
CA TRP A 333 -6.89 13.66 8.77
C TRP A 333 -7.54 13.18 10.06
N VAL A 334 -6.93 13.55 11.18
CA VAL A 334 -7.43 13.21 12.51
C VAL A 334 -7.28 14.41 13.43
N LYS A 335 -8.15 14.47 14.44
CA LYS A 335 -8.12 15.51 15.47
C LYS A 335 -7.14 15.20 16.59
N ASP A 336 -6.78 13.92 16.74
CA ASP A 336 -5.93 13.45 17.84
C ASP A 336 -4.94 12.43 17.25
N SER A 337 -3.79 12.93 16.78
CA SER A 337 -2.78 12.03 16.23
C SER A 337 -2.13 11.16 17.32
N ASP A 338 -2.18 11.59 18.58
CA ASP A 338 -1.65 10.77 19.67
C ASP A 338 -2.32 9.41 19.74
N SER A 339 -3.63 9.34 19.44
CA SER A 339 -4.30 8.05 19.46
C SER A 339 -3.80 7.15 18.33
N LEU A 340 -3.70 7.69 17.11
CA LEU A 340 -3.09 6.96 16.00
C LEU A 340 -1.76 6.35 16.41
N VAL A 341 -0.87 7.20 16.93
CA VAL A 341 0.49 6.73 17.24
C VAL A 341 0.46 5.71 18.39
N LYS A 342 -0.38 5.95 19.42
CA LYS A 342 -0.41 5.03 20.56
C LYS A 342 -0.97 3.67 20.17
N ALA A 343 -1.84 3.60 19.16
CA ALA A 343 -2.36 2.31 18.72
C ALA A 343 -1.48 1.66 17.66
N LEU A 344 -0.61 2.42 16.98
CA LEU A 344 0.22 1.88 15.90
C LEU A 344 1.72 2.01 16.19
N SER A 345 2.12 2.31 17.41
CA SER A 345 3.51 2.64 17.70
C SER A 345 4.33 1.39 18.00
N THR A 346 5.58 1.41 17.54
CA THR A 346 6.59 0.42 17.89
C THR A 346 7.91 1.15 18.03
N SER A 347 8.65 0.84 19.09
CA SER A 347 9.94 1.47 19.38
C SER A 347 11.05 0.44 19.23
N PRO A 348 11.59 0.23 18.03
CA PRO A 348 12.66 -0.76 17.85
C PRO A 348 14.05 -0.15 17.86
N GLU A 349 15.05 -0.93 18.25
CA GLU A 349 16.42 -0.45 18.40
C GLU A 349 17.13 -0.23 17.07
N TYR A 350 16.59 -0.73 15.96
CA TYR A 350 17.30 -0.68 14.69
C TYR A 350 17.08 0.61 13.92
N LEU A 351 16.25 1.53 14.40
CA LEU A 351 15.92 2.76 13.67
C LEU A 351 15.99 3.98 14.61
N LYS A 352 17.18 4.24 15.16
CA LYS A 352 17.35 5.43 15.99
C LYS A 352 18.70 6.11 15.74
N ASN A 353 19.77 5.33 15.57
CA ASN A 353 21.09 5.90 15.33
C ASN A 353 22.00 4.91 14.59
N GLN A 360 12.15 15.83 18.51
CA GLN A 360 10.77 16.14 18.14
C GLN A 360 10.58 16.24 16.63
N VAL A 361 10.11 15.16 16.02
CA VAL A 361 9.81 15.12 14.59
C VAL A 361 8.70 14.11 14.35
N ILE A 362 8.15 14.12 13.14
CA ILE A 362 7.11 13.18 12.76
C ILE A 362 7.76 11.92 12.20
N ASP A 363 7.39 10.77 12.76
CA ASP A 363 7.76 9.46 12.22
C ASP A 363 6.46 8.80 11.78
N TYR A 364 6.16 8.90 10.48
CA TYR A 364 4.88 8.45 9.93
C TYR A 364 4.70 6.94 9.99
N LYS A 365 5.75 6.16 10.27
CA LYS A 365 5.57 4.73 10.49
C LYS A 365 4.54 4.46 11.59
N ASP A 366 4.41 5.38 12.55
CA ASP A 366 3.47 5.25 13.66
C ASP A 366 2.10 5.85 13.36
N TRP A 367 1.84 6.19 12.09
CA TRP A 367 0.57 6.76 11.67
C TRP A 367 -0.22 5.85 10.75
N GLN A 368 0.32 4.69 10.38
CA GLN A 368 -0.28 3.88 9.32
C GLN A 368 0.02 2.40 9.62
N ILE A 369 -0.15 1.56 8.59
CA ILE A 369 0.01 0.11 8.77
C ILE A 369 1.48 -0.29 8.71
N ALA A 370 2.13 -0.05 7.58
CA ALA A 370 3.44 -0.60 7.30
C ALA A 370 4.56 0.30 7.82
N LEU A 371 5.75 -0.29 7.96
CA LEU A 371 6.95 0.49 8.22
C LEU A 371 7.35 1.28 6.99
N SER A 372 7.43 0.61 5.83
CA SER A 372 7.83 1.26 4.60
C SER A 372 6.74 2.21 4.10
N ARG A 373 7.16 3.39 3.65
CA ARG A 373 6.25 4.38 3.08
C ARG A 373 6.74 4.75 1.70
N ARG A 374 5.80 4.92 0.78
CA ARG A 374 6.13 5.51 -0.50
C ARG A 374 6.15 7.02 -0.36
N PHE A 375 7.08 7.66 -1.08
CA PHE A 375 7.12 9.12 -1.15
C PHE A 375 5.87 9.61 -1.87
N ARG A 376 4.71 9.50 -1.22
CA ARG A 376 3.44 9.77 -1.88
C ARG A 376 3.14 11.25 -1.98
N SER A 377 3.72 12.09 -1.11
CA SER A 377 3.43 13.51 -1.14
C SER A 377 3.92 14.18 -2.42
N MET A 378 4.74 13.50 -3.21
CA MET A 378 5.21 14.06 -4.47
C MET A 378 4.08 14.14 -5.50
N LYS A 379 3.30 13.06 -5.64
CA LYS A 379 2.10 13.09 -6.48
C LYS A 379 1.23 14.30 -6.16
N LEU A 380 0.83 14.42 -4.90
CA LEU A 380 -0.09 15.47 -4.50
C LEU A 380 0.53 16.85 -4.69
N TRP A 381 1.80 16.99 -4.30
CA TRP A 381 2.50 18.26 -4.49
C TRP A 381 2.46 18.66 -5.95
N LEU A 382 2.77 17.73 -6.86
CA LEU A 382 2.82 18.08 -8.28
C LEU A 382 1.43 18.40 -8.81
N VAL A 383 0.41 17.66 -8.38
CA VAL A 383 -0.94 17.97 -8.85
C VAL A 383 -1.32 19.39 -8.45
N LEU A 384 -1.21 19.69 -7.16
CA LEU A 384 -1.61 21.01 -6.67
C LEU A 384 -0.80 22.11 -7.36
N ARG A 385 0.52 21.96 -7.39
CA ARG A 385 1.35 23.01 -7.98
C ARG A 385 1.07 23.17 -9.46
N SER A 386 0.94 22.06 -10.19
CA SER A 386 0.85 22.14 -11.64
C SER A 386 -0.49 22.72 -12.08
N TYR A 387 -1.54 22.52 -11.30
CA TYR A 387 -2.85 22.97 -11.76
C TYR A 387 -3.39 24.19 -11.02
N GLY A 388 -3.30 24.22 -9.69
CA GLY A 388 -3.82 25.35 -8.97
C GLY A 388 -5.22 25.11 -8.45
N VAL A 389 -5.56 25.83 -7.38
CA VAL A 389 -6.88 25.70 -6.79
C VAL A 389 -7.95 26.03 -7.82
N ALA A 390 -7.80 27.15 -8.52
CA ALA A 390 -8.82 27.57 -9.47
C ALA A 390 -9.04 26.52 -10.55
N ASN A 391 -7.96 26.01 -11.12
CA ASN A 391 -8.10 25.04 -12.22
C ASN A 391 -8.65 23.71 -11.73
N LEU A 392 -8.21 23.24 -10.55
CA LEU A 392 -8.77 22.01 -10.00
C LEU A 392 -10.27 22.15 -9.77
N ARG A 393 -10.69 23.30 -9.23
CA ARG A 393 -12.12 23.56 -9.08
C ARG A 393 -12.81 23.49 -10.43
N THR A 394 -12.20 24.08 -11.46
CA THR A 394 -12.83 24.05 -12.77
C THR A 394 -12.94 22.62 -13.30
N PHE A 395 -11.92 21.79 -13.06
CA PHE A 395 -11.95 20.40 -13.48
C PHE A 395 -13.14 19.68 -12.86
N LEU A 396 -13.22 19.72 -11.52
CA LEU A 396 -14.32 19.04 -10.83
C LEU A 396 -15.67 19.58 -11.28
N ARG A 397 -15.77 20.91 -11.45
CA ARG A 397 -17.03 21.51 -11.90
C ARG A 397 -17.39 21.06 -13.30
N SER A 398 -16.39 20.80 -14.14
CA SER A 398 -16.66 20.27 -15.48
C SER A 398 -17.28 18.89 -15.39
N HIS A 399 -16.72 18.02 -14.55
CA HIS A 399 -17.31 16.70 -14.37
C HIS A 399 -18.76 16.83 -13.90
N VAL A 400 -19.00 17.70 -12.91
CA VAL A 400 -20.37 17.88 -12.40
C VAL A 400 -21.28 18.38 -13.51
N LYS A 401 -20.76 19.25 -14.38
CA LYS A 401 -21.56 19.82 -15.46
C LYS A 401 -21.90 18.75 -16.50
N MET A 402 -20.94 17.90 -16.84
CA MET A 402 -21.22 16.78 -17.74
C MET A 402 -22.30 15.88 -17.14
N ALA A 403 -22.24 15.66 -15.83
CA ALA A 403 -23.27 14.83 -15.19
C ALA A 403 -24.64 15.50 -15.29
N LYS A 404 -24.71 16.81 -15.06
CA LYS A 404 -25.98 17.52 -15.23
C LYS A 404 -26.49 17.37 -16.65
N HIS A 405 -25.59 17.45 -17.64
CA HIS A 405 -26.02 17.31 -19.03
C HIS A 405 -26.60 15.92 -19.28
N PHE A 406 -25.92 14.89 -18.78
CA PHE A 406 -26.44 13.54 -18.94
C PHE A 406 -27.81 13.40 -18.30
N GLN A 407 -27.98 14.02 -17.12
CA GLN A 407 -29.27 13.99 -16.44
C GLN A 407 -30.36 14.66 -17.28
N GLY A 408 -30.05 15.78 -17.92
CA GLY A 408 -31.04 16.42 -18.79
C GLY A 408 -31.39 15.58 -19.99
N LEU A 409 -30.38 14.98 -20.63
CA LEU A 409 -30.62 14.06 -21.73
C LEU A 409 -31.60 12.97 -21.31
N ILE A 410 -31.38 12.37 -20.13
CA ILE A 410 -32.34 11.42 -19.59
C ILE A 410 -33.71 12.07 -19.49
N GLY A 411 -33.77 13.28 -18.94
CA GLY A 411 -35.03 13.95 -18.75
C GLY A 411 -35.84 14.09 -20.02
N MET A 412 -35.16 14.17 -21.16
N MET A 412 -35.17 14.15 -21.17
CA MET A 412 -35.83 14.28 -22.46
CA MET A 412 -35.90 14.29 -22.44
C MET A 412 -36.49 12.99 -22.94
C MET A 412 -36.39 12.96 -22.99
N ASP A 413 -36.39 11.90 -22.18
CA ASP A 413 -36.83 10.56 -22.62
C ASP A 413 -37.64 9.93 -21.49
N ASN A 414 -38.97 9.93 -21.65
CA ASN A 414 -39.88 9.57 -20.56
C ASN A 414 -39.97 8.06 -20.30
N ARG A 415 -39.17 7.24 -20.98
CA ARG A 415 -39.03 5.85 -20.59
C ARG A 415 -38.15 5.69 -19.35
N PHE A 416 -37.27 6.64 -19.09
CA PHE A 416 -36.32 6.57 -17.99
C PHE A 416 -36.73 7.48 -16.85
N GLU A 417 -36.23 7.15 -15.66
CA GLU A 417 -36.34 8.00 -14.47
C GLU A 417 -35.00 8.08 -13.77
N ILE A 418 -34.85 9.13 -12.96
CA ILE A 418 -33.68 9.31 -12.08
C ILE A 418 -34.05 8.78 -10.70
N VAL A 419 -33.35 7.74 -10.26
CA VAL A 419 -33.78 6.98 -9.09
C VAL A 419 -33.53 7.75 -7.79
N VAL A 420 -32.44 8.50 -7.72
CA VAL A 420 -32.14 9.33 -6.55
C VAL A 420 -31.49 10.63 -7.03
N PRO A 421 -31.40 11.66 -6.19
CA PRO A 421 -30.87 12.94 -6.66
C PRO A 421 -29.39 12.85 -6.96
N ARG A 422 -28.95 13.58 -7.99
CA ARG A 422 -27.53 13.71 -8.28
C ARG A 422 -26.90 14.64 -7.25
N THR A 423 -25.99 14.10 -6.43
CA THR A 423 -25.27 14.90 -5.45
C THR A 423 -23.95 15.43 -6.00
N PHE A 424 -23.26 14.66 -6.83
CA PHE A 424 -21.98 15.08 -7.38
C PHE A 424 -21.97 14.86 -8.89
N ALA A 425 -21.08 13.99 -9.38
CA ALA A 425 -20.94 13.76 -10.81
C ALA A 425 -21.35 12.34 -11.20
N MET A 426 -22.36 11.78 -10.52
CA MET A 426 -22.91 10.48 -10.85
C MET A 426 -24.42 10.57 -10.96
N VAL A 427 -24.96 10.03 -12.05
CA VAL A 427 -26.40 10.01 -12.30
C VAL A 427 -26.88 8.57 -12.20
N CYS A 428 -27.88 8.32 -11.35
CA CYS A 428 -28.45 6.98 -11.15
C CYS A 428 -29.81 6.94 -11.81
N PHE A 429 -29.94 6.17 -12.88
CA PHE A 429 -31.17 6.16 -13.67
C PHE A 429 -31.60 4.73 -13.97
N ARG A 430 -32.85 4.59 -14.40
CA ARG A 430 -33.34 3.29 -14.83
C ARG A 430 -34.50 3.43 -15.79
N LEU A 431 -34.79 2.34 -16.49
CA LEU A 431 -36.03 2.24 -17.25
C LEU A 431 -37.19 2.11 -16.27
N LYS A 432 -38.16 3.01 -16.38
CA LYS A 432 -39.32 2.96 -15.51
C LYS A 432 -40.11 1.67 -15.78
N PRO A 433 -40.92 1.24 -14.82
CA PRO A 433 -41.83 0.11 -15.10
C PRO A 433 -42.82 0.41 -16.22
N THR A 434 -43.29 1.65 -16.33
CA THR A 434 -44.20 1.99 -17.42
C THR A 434 -43.54 1.89 -18.79
N ALA A 435 -42.21 1.76 -18.83
CA ALA A 435 -41.55 1.55 -20.11
C ALA A 435 -41.79 0.15 -20.65
N ILE A 436 -42.06 -0.81 -19.78
CA ILE A 436 -42.33 -2.19 -20.20
C ILE A 436 -43.72 -2.67 -19.83
N PHE A 437 -44.45 -1.96 -18.98
CA PHE A 437 -45.82 -2.32 -18.62
C PHE A 437 -46.77 -1.23 -19.10
N LYS A 438 -47.44 -1.48 -20.23
CA LYS A 438 -48.53 -0.61 -20.65
C LYS A 438 -49.62 -0.55 -19.59
N GLN A 439 -49.80 -1.65 -18.85
CA GLN A 439 -50.90 -1.77 -17.89
C GLN A 439 -50.93 -0.57 -16.95
N LYS A 440 -52.15 -0.16 -16.58
CA LYS A 440 -52.34 0.88 -15.58
C LYS A 440 -52.71 0.22 -14.25
N ILE A 441 -51.69 -0.40 -13.66
CA ILE A 441 -51.85 -1.13 -12.41
C ILE A 441 -50.85 -0.60 -11.39
N VAL A 442 -51.19 -0.72 -10.12
CA VAL A 442 -50.32 -0.24 -9.04
C VAL A 442 -49.05 -1.07 -9.00
N ASP A 443 -47.92 -0.38 -8.81
CA ASP A 443 -46.63 -1.05 -8.67
C ASP A 443 -46.70 -2.12 -7.59
N ASN A 444 -46.00 -3.22 -7.82
CA ASN A 444 -45.89 -4.29 -6.84
C ASN A 444 -44.55 -4.98 -7.04
N ASP A 445 -44.34 -6.07 -6.28
CA ASP A 445 -43.02 -6.69 -6.22
C ASP A 445 -42.66 -7.37 -7.54
N TYR A 446 -43.63 -8.02 -8.17
CA TYR A 446 -43.37 -8.69 -9.44
C TYR A 446 -43.01 -7.69 -10.52
N ILE A 447 -43.78 -6.60 -10.62
CA ILE A 447 -43.50 -5.60 -11.64
C ILE A 447 -42.10 -5.04 -11.45
N GLU A 448 -41.74 -4.77 -10.20
CA GLU A 448 -40.40 -4.24 -9.91
C GLU A 448 -39.31 -5.26 -10.26
N ASP A 449 -39.53 -6.54 -9.98
CA ASP A 449 -38.55 -7.54 -10.37
C ASP A 449 -38.35 -7.56 -11.88
N GLN A 450 -39.46 -7.53 -12.64
CA GLN A 450 -39.33 -7.56 -14.10
C GLN A 450 -38.63 -6.31 -14.62
N THR A 451 -38.93 -5.15 -14.02
CA THR A 451 -38.22 -3.93 -14.37
C THR A 451 -36.73 -4.06 -14.08
N ASN A 452 -36.38 -4.68 -12.96
CA ASN A 452 -34.98 -4.94 -12.65
C ASN A 452 -34.33 -5.80 -13.74
N GLU A 453 -35.00 -6.88 -14.14
CA GLU A 453 -34.43 -7.76 -15.16
C GLU A 453 -34.21 -7.02 -16.47
N VAL A 454 -35.15 -6.16 -16.87
CA VAL A 454 -34.98 -5.36 -18.08
C VAL A 454 -33.76 -4.47 -17.97
N ASN A 455 -33.60 -3.78 -16.83
CA ASN A 455 -32.44 -2.90 -16.69
C ASN A 455 -31.13 -3.69 -16.64
N VAL A 456 -31.16 -4.89 -16.07
CA VAL A 456 -30.00 -5.78 -16.14
C VAL A 456 -29.64 -6.04 -17.60
N LYS A 457 -30.62 -6.48 -18.39
CA LYS A 457 -30.39 -6.73 -19.81
C LYS A 457 -29.79 -5.50 -20.49
N LEU A 458 -30.36 -4.33 -20.22
CA LEU A 458 -29.89 -3.10 -20.86
C LEU A 458 -28.43 -2.83 -20.51
N LEU A 459 -28.08 -2.90 -19.23
CA LEU A 459 -26.72 -2.60 -18.83
C LEU A 459 -25.75 -3.60 -19.44
N GLU A 460 -26.09 -4.89 -19.42
CA GLU A 460 -25.14 -5.87 -19.95
C GLU A 460 -24.99 -5.75 -21.46
N SER A 461 -26.07 -5.41 -22.17
CA SER A 461 -25.95 -5.16 -23.61
C SER A 461 -25.03 -3.98 -23.89
N VAL A 462 -25.31 -2.84 -23.25
CA VAL A 462 -24.45 -1.67 -23.38
C VAL A 462 -22.99 -2.05 -23.14
N ASN A 463 -22.71 -2.67 -21.99
CA ASN A 463 -21.34 -2.95 -21.60
C ASN A 463 -20.67 -3.97 -22.52
N ALA A 464 -21.43 -4.93 -23.05
CA ALA A 464 -20.84 -5.90 -23.97
C ALA A 464 -20.55 -5.29 -25.32
N SER A 465 -21.19 -4.18 -25.67
CA SER A 465 -20.82 -3.51 -26.93
C SER A 465 -19.38 -3.04 -26.91
N GLY A 466 -18.84 -2.71 -25.73
CA GLY A 466 -17.51 -2.18 -25.60
C GLY A 466 -17.40 -0.68 -25.77
N LYS A 467 -18.44 -0.02 -26.26
CA LYS A 467 -18.36 1.40 -26.60
C LYS A 467 -18.30 2.27 -25.35
N ILE A 468 -18.95 1.86 -24.27
CA ILE A 468 -18.89 2.54 -22.98
C ILE A 468 -19.08 1.49 -21.91
N TYR A 469 -18.82 1.87 -20.66
CA TYR A 469 -18.89 0.93 -19.55
C TYR A 469 -19.47 1.65 -18.35
N MET A 470 -20.52 1.07 -17.76
CA MET A 470 -21.11 1.52 -16.52
C MET A 470 -21.37 0.32 -15.64
N THR A 471 -21.42 0.54 -14.33
CA THR A 471 -21.76 -0.50 -13.39
C THR A 471 -23.09 -0.18 -12.72
N HIS A 472 -23.67 -1.19 -12.10
CA HIS A 472 -25.01 -1.09 -11.55
C HIS A 472 -24.96 -0.95 -10.03
N ALA A 473 -26.12 -0.60 -9.48
CA ALA A 473 -26.31 -0.63 -8.03
C ALA A 473 -27.74 -1.06 -7.75
N VAL A 474 -27.98 -1.45 -6.51
CA VAL A 474 -29.32 -1.78 -6.05
C VAL A 474 -29.58 -1.01 -4.77
N VAL A 475 -30.58 -0.15 -4.78
CA VAL A 475 -30.95 0.65 -3.62
C VAL A 475 -32.43 0.39 -3.32
N GLY A 476 -32.70 -0.05 -2.11
CA GLY A 476 -34.07 -0.34 -1.73
C GLY A 476 -34.78 -1.28 -2.68
N GLY A 477 -34.08 -2.32 -3.14
CA GLY A 477 -34.64 -3.27 -4.06
C GLY A 477 -34.54 -2.86 -5.52
N VAL A 478 -34.46 -1.58 -5.80
CA VAL A 478 -34.49 -1.10 -7.18
C VAL A 478 -33.11 -1.20 -7.81
N TYR A 479 -33.02 -1.86 -8.97
CA TYR A 479 -31.78 -2.03 -9.72
C TYR A 479 -31.63 -0.87 -10.69
N MET A 480 -30.56 -0.10 -10.56
CA MET A 480 -30.37 1.08 -11.39
C MET A 480 -28.95 1.12 -11.93
N ILE A 481 -28.76 2.00 -12.91
CA ILE A 481 -27.51 2.13 -13.66
C ILE A 481 -26.84 3.44 -13.25
N ARG A 482 -25.54 3.37 -12.95
CA ARG A 482 -24.75 4.52 -12.56
C ARG A 482 -23.97 5.05 -13.76
N PHE A 483 -24.10 6.35 -14.00
CA PHE A 483 -23.26 7.10 -14.94
C PHE A 483 -22.35 7.97 -14.08
N ALA A 484 -21.17 7.45 -13.78
CA ALA A 484 -20.18 8.14 -12.95
C ALA A 484 -19.11 8.70 -13.89
N VAL A 485 -19.22 10.00 -14.19
CA VAL A 485 -18.36 10.66 -15.16
C VAL A 485 -17.32 11.48 -14.42
N GLY A 486 -16.05 11.26 -14.74
CA GLY A 486 -14.98 11.94 -14.05
C GLY A 486 -13.61 11.49 -14.49
N ALA A 487 -13.54 10.60 -15.48
CA ALA A 487 -12.28 10.26 -16.10
C ALA A 487 -11.64 11.50 -16.69
N THR A 488 -10.31 11.58 -16.62
CA THR A 488 -9.65 12.83 -16.99
C THR A 488 -9.81 13.16 -18.47
N LEU A 489 -9.92 12.15 -19.33
CA LEU A 489 -10.01 12.38 -20.76
C LEU A 489 -11.42 12.63 -21.27
N THR A 490 -12.44 12.54 -20.41
CA THR A 490 -13.82 12.65 -20.88
C THR A 490 -14.14 14.07 -21.31
N GLU A 491 -14.76 14.21 -22.49
CA GLU A 491 -15.25 15.47 -23.02
C GLU A 491 -16.76 15.40 -23.20
N GLU A 492 -17.38 16.57 -23.44
CA GLU A 492 -18.83 16.63 -23.64
C GLU A 492 -19.29 15.62 -24.68
N ARG A 493 -18.56 15.50 -25.78
CA ARG A 493 -18.99 14.59 -26.84
C ARG A 493 -19.05 13.15 -26.35
N HIS A 494 -18.14 12.77 -25.44
CA HIS A 494 -18.20 11.40 -24.92
C HIS A 494 -19.47 11.18 -24.11
N VAL A 495 -19.88 12.19 -23.32
CA VAL A 495 -21.15 12.11 -22.61
C VAL A 495 -22.30 11.92 -23.60
N THR A 496 -22.34 12.77 -24.64
CA THR A 496 -23.44 12.70 -25.60
C THR A 496 -23.47 11.33 -26.29
N GLY A 497 -22.31 10.85 -26.76
CA GLY A 497 -22.25 9.55 -27.40
C GLY A 497 -22.62 8.41 -26.46
N ALA A 498 -22.29 8.54 -25.18
CA ALA A 498 -22.75 7.57 -24.20
C ALA A 498 -24.26 7.50 -24.18
N TRP A 499 -24.93 8.66 -24.13
CA TRP A 499 -26.38 8.63 -24.11
C TRP A 499 -26.93 8.03 -25.39
N LYS A 500 -26.32 8.35 -26.52
CA LYS A 500 -26.76 7.75 -27.78
C LYS A 500 -26.69 6.23 -27.71
N VAL A 501 -25.59 5.69 -27.18
CA VAL A 501 -25.46 4.23 -27.06
C VAL A 501 -26.55 3.67 -26.15
N VAL A 502 -26.81 4.34 -25.02
CA VAL A 502 -27.87 3.87 -24.12
C VAL A 502 -29.19 3.79 -24.87
N GLN A 503 -29.53 4.85 -25.61
CA GLN A 503 -30.83 4.88 -26.29
C GLN A 503 -30.89 3.84 -27.39
N GLU A 504 -29.79 3.64 -28.12
CA GLU A 504 -29.80 2.64 -29.18
C GLU A 504 -30.03 1.25 -28.62
N HIS A 505 -29.34 0.91 -27.53
CA HIS A 505 -29.54 -0.42 -26.94
C HIS A 505 -30.93 -0.53 -26.29
N THR A 506 -31.49 0.58 -25.82
CA THR A 506 -32.85 0.56 -25.29
C THR A 506 -33.86 0.28 -26.39
N ASP A 507 -33.79 1.01 -27.51
CA ASP A 507 -34.64 0.71 -28.65
C ASP A 507 -34.48 -0.75 -29.07
N ALA A 508 -33.24 -1.25 -29.10
CA ALA A 508 -33.02 -2.63 -29.49
C ALA A 508 -33.70 -3.59 -28.52
N ILE A 509 -33.80 -3.24 -27.25
CA ILE A 509 -34.49 -4.12 -26.32
C ILE A 509 -36.00 -3.95 -26.39
N LEU A 510 -36.49 -2.74 -26.70
CA LEU A 510 -37.92 -2.46 -26.67
C LEU A 510 -38.50 -2.20 -28.06
N GLY A 511 -38.32 -0.98 -28.56
CA GLY A 511 -38.81 -0.59 -29.87
C GLY A 511 -38.45 0.84 -30.20
N GLN B 17 -4.31 22.95 -21.19
CA GLN B 17 -5.75 22.75 -21.28
C GLN B 17 -6.19 21.58 -20.39
N ASN B 18 -6.00 20.36 -20.88
CA ASN B 18 -6.37 19.09 -20.26
C ASN B 18 -5.17 18.51 -19.51
N PRO B 19 -5.38 17.95 -18.31
CA PRO B 19 -4.26 17.39 -17.54
C PRO B 19 -3.73 16.07 -18.08
N LEU B 20 -4.32 15.52 -19.13
CA LEU B 20 -3.80 14.30 -19.75
C LEU B 20 -3.58 14.49 -21.24
N ASP B 21 -3.21 15.69 -21.64
CA ASP B 21 -2.87 15.97 -23.03
C ASP B 21 -1.70 15.09 -23.47
N PRO B 22 -1.87 14.23 -24.48
CA PRO B 22 -0.76 13.32 -24.84
C PRO B 22 0.54 14.01 -25.20
N ASP B 23 0.49 15.15 -25.90
CA ASP B 23 1.73 15.80 -26.31
C ASP B 23 2.43 16.45 -25.12
N GLU B 24 1.67 17.11 -24.25
CA GLU B 24 2.23 17.62 -23.01
C GLU B 24 2.77 16.47 -22.16
N PHE B 25 2.11 15.32 -22.19
CA PHE B 25 2.63 14.15 -21.49
C PHE B 25 3.99 13.76 -22.03
N ARG B 26 4.11 13.61 -23.35
CA ARG B 26 5.39 13.25 -23.95
C ARG B 26 6.47 14.25 -23.53
N ARG B 27 6.17 15.54 -23.64
CA ARG B 27 7.16 16.58 -23.36
C ARG B 27 7.64 16.52 -21.91
N GLN B 28 6.70 16.65 -20.97
CA GLN B 28 7.09 16.69 -19.56
C GLN B 28 7.65 15.36 -19.08
N GLY B 29 7.16 14.24 -19.62
CA GLY B 29 7.73 12.97 -19.26
C GLY B 29 9.19 12.84 -19.69
N HIS B 30 9.48 13.25 -20.93
CA HIS B 30 10.87 13.30 -21.34
C HIS B 30 11.70 14.17 -20.40
N MET B 31 11.14 15.32 -20.01
CA MET B 31 11.86 16.19 -19.07
C MET B 31 12.21 15.45 -17.79
N ILE B 32 11.22 14.79 -17.19
CA ILE B 32 11.44 14.10 -15.92
C ILE B 32 12.44 12.97 -16.09
N ILE B 33 12.39 12.27 -17.24
CA ILE B 33 13.34 11.20 -17.46
C ILE B 33 14.76 11.74 -17.52
N ASP B 34 14.96 12.86 -18.23
CA ASP B 34 16.28 13.47 -18.25
C ASP B 34 16.71 13.87 -16.86
N PHE B 35 15.78 14.40 -16.06
CA PHE B 35 16.06 14.80 -14.69
C PHE B 35 16.59 13.60 -13.88
N LEU B 36 15.89 12.47 -13.95
CA LEU B 36 16.29 11.31 -13.18
C LEU B 36 17.60 10.72 -13.69
N ALA B 37 17.82 10.72 -15.01
CA ALA B 37 19.10 10.27 -15.54
C ALA B 37 20.24 11.11 -14.99
N ASP B 38 20.07 12.43 -14.98
CA ASP B 38 21.04 13.31 -14.33
C ASP B 38 21.21 12.95 -12.85
N TYR B 39 20.11 12.69 -12.16
CA TYR B 39 20.21 12.38 -10.74
C TYR B 39 21.03 11.11 -10.50
N TYR B 40 20.83 10.09 -11.33
CA TYR B 40 21.64 8.88 -11.18
C TYR B 40 23.09 9.15 -11.54
N LYS B 41 23.32 10.00 -12.56
CA LYS B 41 24.68 10.37 -12.91
C LYS B 41 25.37 11.13 -11.77
N ASN B 42 24.60 11.80 -10.91
CA ASN B 42 25.16 12.69 -9.92
C ASN B 42 25.02 12.24 -8.47
N VAL B 43 24.30 11.15 -8.18
CA VAL B 43 23.91 10.89 -6.81
C VAL B 43 25.14 10.68 -5.92
N GLU B 44 26.16 9.99 -6.42
CA GLU B 44 27.35 9.77 -5.62
C GLU B 44 27.95 11.08 -5.09
N LYS B 45 27.52 12.22 -5.63
CA LYS B 45 28.06 13.53 -5.28
C LYS B 45 27.44 14.12 -4.01
N TYR B 46 26.29 13.60 -3.55
CA TYR B 46 25.62 14.17 -2.39
C TYR B 46 26.07 13.49 -1.10
N PRO B 47 25.90 14.16 0.05
CA PRO B 47 26.06 13.45 1.32
C PRO B 47 24.97 12.40 1.47
N VAL B 48 25.38 11.16 1.74
CA VAL B 48 24.43 10.05 1.73
C VAL B 48 23.30 10.31 2.73
N ARG B 49 23.64 10.56 3.99
CA ARG B 49 22.62 10.89 4.97
C ARG B 49 22.30 12.38 4.92
N SER B 50 21.04 12.70 4.68
CA SER B 50 20.58 14.08 4.67
C SER B 50 21.17 14.85 5.85
N GLN B 51 21.57 16.09 5.59
CA GLN B 51 22.16 16.96 6.59
C GLN B 51 21.29 18.15 6.93
N VAL B 52 19.99 18.06 6.66
CA VAL B 52 19.08 19.16 6.97
C VAL B 52 18.68 19.11 8.43
N GLU B 53 18.13 20.24 8.92
CA GLU B 53 17.51 20.32 10.23
C GLU B 53 16.01 20.05 10.13
N PRO B 54 15.42 19.44 11.16
CA PRO B 54 13.96 19.29 11.16
C PRO B 54 13.26 20.61 10.88
N GLY B 55 12.21 20.54 10.06
CA GLY B 55 11.43 21.72 9.76
C GLY B 55 12.00 22.64 8.69
N TYR B 56 13.04 22.22 7.98
CA TYR B 56 13.62 23.08 6.95
C TYR B 56 12.63 23.32 5.81
N LEU B 57 11.87 22.27 5.43
CA LEU B 57 11.00 22.35 4.25
C LEU B 57 9.77 23.20 4.54
N LYS B 58 9.16 23.02 5.71
CA LYS B 58 8.06 23.88 6.09
C LYS B 58 8.45 25.35 6.00
N LYS B 59 9.71 25.67 6.27
CA LYS B 59 10.19 27.04 6.17
C LYS B 59 10.40 27.46 4.72
N ARG B 60 10.89 26.56 3.88
CA ARG B 60 11.24 26.94 2.51
C ARG B 60 10.07 26.91 1.52
N LEU B 61 8.95 26.28 1.85
CA LEU B 61 7.83 26.21 0.93
C LEU B 61 6.65 27.05 1.42
N PRO B 62 5.77 27.48 0.51
CA PRO B 62 4.58 28.23 0.91
C PRO B 62 3.72 27.42 1.88
N GLU B 63 2.79 28.12 2.53
CA GLU B 63 1.91 27.51 3.52
C GLU B 63 0.54 27.15 2.97
N SER B 64 0.16 27.66 1.80
CA SER B 64 -1.10 27.34 1.16
C SER B 64 -0.84 26.92 -0.27
N ALA B 65 -1.83 26.24 -0.87
CA ALA B 65 -1.70 25.83 -2.25
C ALA B 65 -1.71 27.06 -3.17
N PRO B 66 -1.13 26.94 -4.35
CA PRO B 66 -1.21 28.05 -5.32
C PRO B 66 -2.60 28.14 -5.93
N TYR B 67 -3.04 29.37 -6.18
CA TYR B 67 -4.31 29.58 -6.88
C TYR B 67 -4.15 29.36 -8.37
N ASN B 68 -3.05 29.81 -8.95
CA ASN B 68 -2.77 29.67 -10.36
C ASN B 68 -1.73 28.59 -10.61
N PRO B 69 -1.63 28.10 -11.85
CA PRO B 69 -0.69 27.02 -12.14
C PRO B 69 0.76 27.48 -11.97
N GLU B 70 1.66 26.50 -11.90
CA GLU B 70 3.08 26.73 -11.85
C GLU B 70 3.78 25.85 -12.88
N SER B 71 4.82 26.39 -13.50
CA SER B 71 5.55 25.69 -14.54
C SER B 71 6.20 24.42 -14.00
N ILE B 72 6.23 23.38 -14.83
CA ILE B 72 6.97 22.18 -14.47
C ILE B 72 8.44 22.51 -14.27
N GLU B 73 8.97 23.44 -15.06
CA GLU B 73 10.36 23.86 -14.90
C GLU B 73 10.60 24.44 -13.51
N THR B 74 9.67 25.29 -13.05
CA THR B 74 9.78 25.84 -11.69
C THR B 74 9.78 24.72 -10.66
N ILE B 75 8.85 23.77 -10.81
CA ILE B 75 8.74 22.68 -9.85
C ILE B 75 10.00 21.83 -9.83
N LEU B 76 10.65 21.67 -10.98
CA LEU B 76 11.89 20.90 -11.01
C LEU B 76 13.04 21.66 -10.38
N GLU B 77 13.09 22.98 -10.59
CA GLU B 77 14.07 23.78 -9.87
C GLU B 77 13.87 23.63 -8.37
N ASP B 78 12.61 23.62 -7.92
CA ASP B 78 12.35 23.42 -6.50
C ASP B 78 12.70 22.02 -6.04
N VAL B 79 12.51 21.01 -6.90
CA VAL B 79 12.93 19.66 -6.53
C VAL B 79 14.44 19.62 -6.31
N THR B 80 15.19 20.28 -7.20
CA THR B 80 16.64 20.32 -7.05
C THR B 80 17.05 21.05 -5.78
N ASN B 81 16.48 22.24 -5.55
CA ASN B 81 16.99 23.10 -4.48
C ASN B 81 16.44 22.72 -3.10
N ASP B 82 15.16 22.37 -3.02
CA ASP B 82 14.47 22.17 -1.75
C ASP B 82 14.32 20.70 -1.37
N ILE B 83 13.95 19.84 -2.33
CA ILE B 83 13.68 18.44 -2.00
C ILE B 83 14.99 17.68 -1.80
N ILE B 84 15.86 17.69 -2.80
CA ILE B 84 17.03 16.79 -2.78
C ILE B 84 17.89 16.99 -1.54
N PRO B 85 18.16 18.21 -1.06
CA PRO B 85 18.87 18.35 0.22
C PRO B 85 18.24 17.55 1.35
N GLY B 86 16.92 17.34 1.29
CA GLY B 86 16.18 16.60 2.28
C GLY B 86 16.06 15.11 2.04
N LEU B 87 16.79 14.56 1.08
CA LEU B 87 16.77 13.13 0.79
C LEU B 87 17.98 12.42 1.40
N THR B 88 17.73 11.23 1.96
CA THR B 88 18.80 10.28 2.23
C THR B 88 18.86 9.34 1.05
N HIS B 89 20.01 9.32 0.37
CA HIS B 89 20.08 8.75 -0.98
C HIS B 89 20.23 7.23 -0.89
N TRP B 90 19.08 6.57 -0.73
CA TRP B 90 19.03 5.12 -0.62
C TRP B 90 19.69 4.44 -1.80
N GLN B 91 19.73 5.10 -2.96
CA GLN B 91 20.28 4.51 -4.17
C GLN B 91 21.67 5.07 -4.49
N SER B 92 22.28 5.79 -3.55
CA SER B 92 23.67 6.16 -3.71
C SER B 92 24.55 4.91 -3.70
N PRO B 93 25.58 4.86 -4.53
CA PRO B 93 26.52 3.74 -4.42
C PRO B 93 27.15 3.62 -3.04
N ASN B 94 27.08 4.68 -2.23
CA ASN B 94 27.69 4.68 -0.90
C ASN B 94 26.64 4.53 0.20
N TYR B 95 25.44 4.08 -0.15
CA TYR B 95 24.42 3.75 0.84
C TYR B 95 24.64 2.31 1.29
N PHE B 96 24.85 2.12 2.59
CA PHE B 96 25.02 0.78 3.15
C PHE B 96 24.15 0.56 4.38
N ALA B 97 23.11 1.38 4.57
CA ALA B 97 22.31 1.36 5.78
C ALA B 97 21.16 0.36 5.68
N TYR B 98 20.58 0.03 6.83
CA TYR B 98 19.43 -0.88 6.91
C TYR B 98 19.59 -2.04 5.95
N PHE B 99 18.68 -2.13 4.98
CA PHE B 99 18.79 -3.01 3.83
C PHE B 99 18.63 -2.19 2.57
N PRO B 100 19.07 -2.69 1.42
CA PRO B 100 19.03 -1.86 0.21
C PRO B 100 17.61 -1.61 -0.26
N SER B 101 17.40 -0.43 -0.85
CA SER B 101 16.20 -0.14 -1.63
C SER B 101 16.54 -0.49 -3.07
N SER B 102 16.31 -1.76 -3.42
CA SER B 102 16.81 -2.33 -4.66
C SER B 102 15.95 -1.86 -5.83
N GLY B 103 16.54 -1.03 -6.71
CA GLY B 103 15.86 -0.52 -7.87
C GLY B 103 16.54 -0.98 -9.15
N SER B 104 15.98 -0.53 -10.27
CA SER B 104 16.53 -0.92 -11.55
C SER B 104 15.76 -0.22 -12.67
N ILE B 105 16.41 -0.13 -13.82
CA ILE B 105 15.77 0.41 -15.02
C ILE B 105 14.46 -0.32 -15.29
N ALA B 106 14.52 -1.65 -15.34
CA ALA B 106 13.32 -2.44 -15.60
C ALA B 106 12.26 -2.21 -14.54
N GLY B 107 12.66 -2.15 -13.27
CA GLY B 107 11.68 -1.91 -12.22
C GLY B 107 11.00 -0.57 -12.38
N PHE B 108 11.79 0.47 -12.65
CA PHE B 108 11.22 1.79 -12.91
C PHE B 108 10.25 1.75 -14.08
N LEU B 109 10.63 1.09 -15.17
CA LEU B 109 9.79 1.06 -16.37
C LEU B 109 8.49 0.32 -16.09
N GLY B 110 8.56 -0.78 -15.33
CA GLY B 110 7.34 -1.49 -14.98
C GLY B 110 6.43 -0.64 -14.12
N GLU B 111 7.00 0.04 -13.12
CA GLU B 111 6.20 0.95 -12.32
C GLU B 111 5.54 2.02 -13.19
N MET B 112 6.27 2.54 -14.16
CA MET B 112 5.74 3.64 -14.96
C MET B 112 4.67 3.15 -15.93
N LEU B 113 4.80 1.92 -16.44
CA LEU B 113 3.72 1.34 -17.24
C LEU B 113 2.48 1.13 -16.41
N SER B 114 2.64 0.60 -15.19
CA SER B 114 1.49 0.44 -14.30
C SER B 114 0.82 1.77 -14.01
N THR B 115 1.60 2.80 -13.67
CA THR B 115 1.04 4.12 -13.40
C THR B 115 0.44 4.74 -14.66
N GLY B 116 1.01 4.45 -15.83
CA GLY B 116 0.44 4.98 -17.06
C GLY B 116 -0.94 4.40 -17.34
N PHE B 117 -1.05 3.06 -17.29
CA PHE B 117 -2.35 2.43 -17.44
C PHE B 117 -3.30 2.85 -16.32
N ASN B 118 -2.79 2.91 -15.09
CA ASN B 118 -3.54 3.45 -13.95
C ASN B 118 -4.87 2.74 -13.75
N VAL B 119 -4.87 1.42 -13.87
CA VAL B 119 -6.09 0.65 -13.65
C VAL B 119 -6.14 0.18 -12.20
N VAL B 120 -7.32 -0.26 -11.78
CA VAL B 120 -7.59 -0.70 -10.42
C VAL B 120 -7.99 -2.17 -10.50
N GLY B 121 -7.13 -3.05 -10.01
CA GLY B 121 -7.39 -4.48 -10.16
C GLY B 121 -7.96 -5.18 -8.94
N PHE B 122 -9.08 -4.69 -8.41
CA PHE B 122 -9.66 -5.32 -7.22
C PHE B 122 -10.41 -6.60 -7.55
N ASN B 123 -10.88 -6.77 -8.77
CA ASN B 123 -11.38 -8.06 -9.21
C ASN B 123 -10.83 -8.34 -10.60
N TRP B 124 -11.06 -9.57 -11.07
CA TRP B 124 -10.56 -9.97 -12.37
C TRP B 124 -11.08 -9.05 -13.47
N MET B 125 -12.37 -8.71 -13.42
CA MET B 125 -12.98 -8.00 -14.53
C MET B 125 -12.45 -6.57 -14.67
N SER B 126 -12.00 -5.96 -13.56
CA SER B 126 -11.50 -4.59 -13.61
C SER B 126 -10.18 -4.48 -14.37
N SER B 127 -9.57 -5.60 -14.71
CA SER B 127 -8.42 -5.72 -15.60
C SER B 127 -7.94 -7.16 -15.51
N PRO B 128 -8.38 -8.03 -16.43
CA PRO B 128 -7.91 -9.43 -16.38
C PRO B 128 -6.40 -9.54 -16.36
N ALA B 129 -5.70 -8.66 -17.07
CA ALA B 129 -4.25 -8.78 -17.20
C ALA B 129 -3.56 -8.63 -15.85
N ALA B 130 -3.96 -7.63 -15.06
CA ALA B 130 -3.36 -7.46 -13.73
C ALA B 130 -3.36 -8.79 -12.96
N THR B 131 -4.54 -9.39 -12.81
CA THR B 131 -4.66 -10.61 -12.02
C THR B 131 -3.89 -11.77 -12.64
N GLU B 132 -4.08 -12.01 -13.94
CA GLU B 132 -3.45 -13.18 -14.55
C GLU B 132 -1.93 -13.05 -14.59
N LEU B 133 -1.42 -11.86 -14.94
CA LEU B 133 0.01 -11.66 -14.91
C LEU B 133 0.57 -11.86 -13.51
N GLU B 134 -0.14 -11.37 -12.49
CA GLU B 134 0.36 -11.57 -11.14
C GLU B 134 0.46 -13.05 -10.82
N SER B 135 -0.55 -13.84 -11.20
CA SER B 135 -0.49 -15.28 -10.96
C SER B 135 0.71 -15.91 -11.69
N ILE B 136 0.84 -15.62 -12.98
CA ILE B 136 1.94 -16.18 -13.77
C ILE B 136 3.28 -15.82 -13.14
N VAL B 137 3.47 -14.54 -12.83
CA VAL B 137 4.76 -14.03 -12.40
C VAL B 137 5.14 -14.56 -11.03
N MET B 138 4.17 -14.62 -10.09
CA MET B 138 4.44 -15.26 -8.82
C MET B 138 4.85 -16.72 -9.00
N ASN B 139 4.20 -17.43 -9.93
CA ASN B 139 4.67 -18.79 -10.22
C ASN B 139 6.11 -18.78 -10.73
N TRP B 140 6.41 -17.88 -11.67
CA TRP B 140 7.77 -17.72 -12.15
C TRP B 140 8.75 -17.66 -10.98
N LEU B 141 8.61 -16.62 -10.15
CA LEU B 141 9.57 -16.35 -9.10
C LEU B 141 9.64 -17.51 -8.11
N GLY B 142 8.49 -18.03 -7.69
CA GLY B 142 8.49 -19.15 -6.77
C GLY B 142 9.19 -20.38 -7.34
N GLN B 143 9.08 -20.60 -8.65
CA GLN B 143 9.84 -21.68 -9.26
C GLN B 143 11.34 -21.36 -9.22
N MET B 144 11.72 -20.12 -9.51
CA MET B 144 13.11 -19.73 -9.36
C MET B 144 13.61 -19.98 -7.94
N LEU B 145 12.79 -19.63 -6.94
CA LEU B 145 13.08 -19.94 -5.54
C LEU B 145 13.03 -21.42 -5.24
N THR B 146 12.53 -22.25 -6.15
CA THR B 146 12.41 -23.68 -5.91
C THR B 146 11.54 -23.96 -4.68
N LEU B 147 10.49 -23.15 -4.51
CA LEU B 147 9.53 -23.43 -3.47
C LEU B 147 8.79 -24.72 -3.77
N PRO B 148 8.33 -25.43 -2.74
CA PRO B 148 7.52 -26.63 -2.99
C PRO B 148 6.27 -26.29 -3.77
N LYS B 149 5.78 -27.26 -4.55
CA LYS B 149 4.61 -27.03 -5.37
C LYS B 149 3.40 -26.66 -4.53
N SER B 150 3.36 -27.12 -3.27
CA SER B 150 2.26 -26.77 -2.38
C SER B 150 2.11 -25.27 -2.18
N PHE B 151 3.09 -24.46 -2.60
CA PHE B 151 3.01 -23.01 -2.47
C PHE B 151 2.68 -22.30 -3.77
N LEU B 152 2.77 -22.98 -4.90
CA LEU B 152 2.56 -22.33 -6.18
C LEU B 152 1.13 -22.56 -6.67
N PHE B 153 0.78 -21.87 -7.75
CA PHE B 153 -0.51 -22.06 -8.41
C PHE B 153 -0.44 -23.33 -9.24
N SER B 154 -1.24 -24.33 -8.87
CA SER B 154 -1.36 -25.55 -9.66
C SER B 154 -2.23 -25.28 -10.87
N SER B 155 -1.69 -25.55 -12.07
CA SER B 155 -2.52 -25.42 -13.27
C SER B 155 -3.74 -26.31 -13.21
N ASP B 156 -3.62 -27.47 -12.54
CA ASP B 156 -4.75 -28.38 -12.33
C ASP B 156 -5.61 -27.89 -11.16
N GLY B 157 -6.12 -26.67 -11.31
CA GLY B 157 -6.95 -26.07 -10.29
C GLY B 157 -6.74 -24.59 -10.11
N GLY B 160 -5.64 -24.57 -4.20
CA GLY B 160 -4.64 -25.14 -3.31
C GLY B 160 -3.68 -24.11 -2.74
N GLY B 161 -2.47 -24.07 -3.29
CA GLY B 161 -1.51 -23.05 -2.96
C GLY B 161 -1.68 -21.82 -3.83
N GLY B 162 -0.75 -20.88 -3.67
CA GLY B 162 -0.76 -19.69 -4.50
C GLY B 162 -0.02 -18.54 -3.86
N GLY B 163 0.14 -17.49 -4.64
CA GLY B 163 0.88 -16.32 -4.21
C GLY B 163 0.20 -15.04 -4.66
N VAL B 164 0.58 -13.96 -3.99
CA VAL B 164 -0.02 -12.64 -4.18
C VAL B 164 1.05 -11.59 -3.96
N LEU B 165 0.85 -10.41 -4.55
CA LEU B 165 1.71 -9.26 -4.35
C LEU B 165 1.06 -8.28 -3.39
N GLN B 166 1.84 -7.78 -2.44
CA GLN B 166 1.37 -6.81 -1.48
C GLN B 166 2.42 -5.70 -1.37
N GLY B 167 2.12 -4.69 -0.56
CA GLY B 167 3.07 -3.61 -0.39
C GLY B 167 4.26 -3.98 0.48
N THR B 168 3.99 -4.52 1.67
CA THR B 168 5.02 -4.62 2.69
C THR B 168 4.99 -5.98 3.39
N THR B 169 6.08 -6.27 4.09
CA THR B 169 6.15 -7.47 4.94
C THR B 169 5.11 -7.40 6.05
N CYS B 170 4.88 -6.20 6.59
CA CYS B 170 3.91 -6.09 7.68
C CYS B 170 2.52 -6.51 7.21
N GLU B 171 2.16 -6.16 5.98
CA GLU B 171 0.86 -6.53 5.46
C GLU B 171 0.76 -8.04 5.21
N ALA B 172 1.84 -8.65 4.72
CA ALA B 172 1.82 -10.09 4.52
C ALA B 172 1.67 -10.81 5.85
N ILE B 173 2.44 -10.40 6.86
CA ILE B 173 2.31 -11.02 8.17
C ILE B 173 0.92 -10.76 8.74
N LEU B 174 0.39 -9.55 8.55
CA LEU B 174 -0.95 -9.27 9.04
C LEU B 174 -1.98 -10.18 8.38
N CYS B 175 -1.85 -10.40 7.07
CA CYS B 175 -2.82 -11.25 6.38
C CYS B 175 -2.74 -12.69 6.87
N THR B 176 -1.52 -13.23 6.98
CA THR B 176 -1.41 -14.61 7.46
C THR B 176 -1.80 -14.74 8.92
N LEU B 177 -1.50 -13.73 9.75
CA LEU B 177 -1.90 -13.76 11.15
C LEU B 177 -3.41 -13.74 11.27
N THR B 178 -4.07 -12.87 10.53
CA THR B 178 -5.53 -12.84 10.54
C THR B 178 -6.11 -14.16 10.06
N ALA B 179 -5.50 -14.74 9.02
CA ALA B 179 -5.96 -16.04 8.55
C ALA B 179 -5.89 -17.07 9.67
N ALA B 180 -4.74 -17.17 10.34
CA ALA B 180 -4.58 -18.14 11.41
C ALA B 180 -5.55 -17.86 12.55
N ARG B 181 -5.68 -16.59 12.93
CA ARG B 181 -6.58 -16.21 14.00
C ARG B 181 -8.00 -16.68 13.71
N ASP B 182 -8.48 -16.44 12.49
CA ASP B 182 -9.86 -16.79 12.16
C ASP B 182 -10.02 -18.30 12.07
N LYS B 183 -9.04 -18.99 11.48
CA LYS B 183 -9.10 -20.44 11.44
C LYS B 183 -9.25 -21.03 12.83
N MET B 184 -8.50 -20.50 13.82
CA MET B 184 -8.55 -21.03 15.18
C MET B 184 -9.83 -20.61 15.91
N LEU B 185 -10.18 -19.32 15.85
CA LEU B 185 -11.34 -18.84 16.59
C LEU B 185 -12.64 -19.42 16.03
N ASN B 186 -12.71 -19.70 14.73
CA ASN B 186 -13.92 -20.35 14.22
C ASN B 186 -14.12 -21.72 14.87
N LYS B 187 -13.03 -22.37 15.27
CA LYS B 187 -13.12 -23.67 15.92
C LYS B 187 -13.41 -23.55 17.42
N ILE B 188 -12.77 -22.61 18.11
CA ILE B 188 -12.85 -22.57 19.57
C ILE B 188 -13.67 -21.42 20.11
N GLY B 189 -14.10 -20.48 19.27
CA GLY B 189 -14.93 -19.39 19.75
C GLY B 189 -14.19 -18.09 19.99
N ARG B 190 -14.75 -16.98 19.53
CA ARG B 190 -14.06 -15.69 19.60
C ARG B 190 -13.68 -15.30 21.02
N GLU B 191 -14.36 -15.85 22.04
CA GLU B 191 -14.04 -15.43 23.41
C GLU B 191 -12.63 -15.82 23.84
N ASN B 192 -11.95 -16.68 23.09
CA ASN B 192 -10.56 -17.04 23.34
C ASN B 192 -9.58 -16.08 22.67
N ILE B 193 -10.04 -14.96 22.11
CA ILE B 193 -9.15 -14.09 21.35
C ILE B 193 -8.01 -13.58 22.24
N ASN B 194 -8.30 -13.27 23.50
CA ASN B 194 -7.28 -12.77 24.40
C ASN B 194 -6.41 -13.87 24.99
N LYS B 195 -6.60 -15.12 24.58
CA LYS B 195 -5.73 -16.21 24.98
C LYS B 195 -4.79 -16.65 23.87
N LEU B 196 -4.93 -16.07 22.68
CA LEU B 196 -4.11 -16.46 21.55
C LEU B 196 -2.69 -15.91 21.72
N VAL B 197 -1.71 -16.75 21.41
CA VAL B 197 -0.29 -16.46 21.63
C VAL B 197 0.42 -16.48 20.29
N VAL B 198 1.20 -15.42 20.02
CA VAL B 198 2.05 -15.31 18.85
C VAL B 198 3.50 -15.44 19.28
N TYR B 199 4.26 -16.25 18.56
CA TYR B 199 5.64 -16.57 18.89
C TYR B 199 6.58 -15.95 17.87
N ALA B 200 7.67 -15.35 18.35
CA ALA B 200 8.77 -14.93 17.49
C ALA B 200 10.03 -14.87 18.36
N SER B 201 11.13 -14.47 17.75
CA SER B 201 12.39 -14.36 18.47
C SER B 201 12.61 -12.91 18.89
N ASP B 202 13.58 -12.71 19.78
CA ASP B 202 13.88 -11.33 20.16
C ASP B 202 14.62 -10.57 19.09
N GLN B 203 14.98 -11.21 17.97
CA GLN B 203 15.47 -10.53 16.78
C GLN B 203 14.38 -10.26 15.77
N THR B 204 13.17 -10.78 16.00
CA THR B 204 12.12 -10.68 15.00
C THR B 204 11.71 -9.24 14.76
N HIS B 205 11.55 -8.89 13.48
CA HIS B 205 11.27 -7.53 13.10
C HIS B 205 9.94 -7.06 13.68
N CYS B 206 9.88 -5.77 14.00
CA CYS B 206 8.68 -5.21 14.62
C CYS B 206 7.44 -5.33 13.72
N ALA B 207 7.61 -5.68 12.45
CA ALA B 207 6.43 -5.96 11.62
C ALA B 207 5.52 -6.98 12.26
N LEU B 208 6.06 -7.85 13.13
CA LEU B 208 5.25 -8.89 13.75
C LEU B 208 4.41 -8.36 14.90
N GLN B 209 5.02 -7.64 15.85
CA GLN B 209 4.25 -7.17 16.99
C GLN B 209 3.22 -6.12 16.59
N LYS B 210 3.55 -5.28 15.60
CA LYS B 210 2.56 -4.38 15.02
C LYS B 210 1.38 -5.16 14.44
N ALA B 211 1.66 -6.16 13.60
CA ALA B 211 0.58 -6.97 13.01
C ALA B 211 -0.24 -7.64 14.10
N ALA B 212 0.40 -8.13 15.15
CA ALA B 212 -0.34 -8.74 16.27
C ALA B 212 -1.26 -7.73 16.93
N GLN B 213 -0.77 -6.52 17.17
CA GLN B 213 -1.60 -5.47 17.78
C GLN B 213 -2.82 -5.20 16.91
N ILE B 214 -2.61 -4.97 15.62
CA ILE B 214 -3.72 -4.63 14.74
C ILE B 214 -4.74 -5.77 14.70
N ALA B 215 -4.27 -7.00 14.76
CA ALA B 215 -5.14 -8.17 14.68
C ALA B 215 -5.88 -8.44 15.98
N GLY B 216 -5.64 -7.66 17.04
CA GLY B 216 -6.32 -7.85 18.30
C GLY B 216 -5.70 -8.86 19.23
N ILE B 217 -4.51 -9.38 18.91
CA ILE B 217 -3.79 -10.23 19.85
C ILE B 217 -3.45 -9.42 21.09
N ASN B 218 -3.67 -10.00 22.26
CA ASN B 218 -3.35 -9.29 23.49
C ASN B 218 -1.85 -9.05 23.58
N PRO B 219 -1.41 -7.82 23.87
CA PRO B 219 0.04 -7.54 23.89
C PRO B 219 0.81 -8.41 24.88
N LYS B 220 0.16 -8.96 25.91
CA LYS B 220 0.82 -9.88 26.81
C LYS B 220 1.14 -11.22 26.16
N ASN B 221 0.64 -11.46 24.94
CA ASN B 221 0.72 -12.79 24.32
C ASN B 221 1.54 -12.75 23.03
N VAL B 222 2.44 -11.79 22.93
CA VAL B 222 3.47 -11.79 21.90
C VAL B 222 4.77 -12.16 22.59
N ARG B 223 5.27 -13.37 22.34
CA ARG B 223 6.47 -13.87 23.01
C ARG B 223 7.68 -13.59 22.14
N ALA B 224 8.51 -12.63 22.57
CA ALA B 224 9.82 -12.40 21.97
C ALA B 224 10.81 -13.32 22.66
N ILE B 225 10.91 -14.56 22.17
CA ILE B 225 11.77 -15.54 22.79
C ILE B 225 13.21 -15.09 22.71
N LYS B 226 13.97 -15.38 23.76
CA LYS B 226 15.33 -14.92 23.89
C LYS B 226 16.27 -15.80 23.09
N THR B 227 17.12 -15.17 22.28
CA THR B 227 18.19 -15.84 21.56
C THR B 227 19.53 -15.39 22.12
N SER B 228 20.59 -16.09 21.73
CA SER B 228 21.91 -15.78 22.23
C SER B 228 22.95 -16.10 21.17
N LYS B 229 24.21 -15.76 21.48
CA LYS B 229 25.31 -16.03 20.57
C LYS B 229 25.49 -17.52 20.30
N ALA B 230 24.97 -18.38 21.19
CA ALA B 230 25.12 -19.82 20.99
C ALA B 230 24.42 -20.31 19.73
N THR B 231 23.39 -19.61 19.26
CA THR B 231 22.73 -19.95 18.00
C THR B 231 22.97 -18.89 16.93
N ASN B 232 23.97 -18.03 17.14
CA ASN B 232 24.14 -16.85 16.29
C ASN B 232 22.83 -16.07 16.18
N PHE B 233 22.08 -16.07 17.28
CA PHE B 233 20.86 -15.31 17.48
C PHE B 233 19.69 -15.82 16.65
N GLY B 234 19.79 -17.03 16.09
CA GLY B 234 18.62 -17.68 15.54
C GLY B 234 17.78 -18.32 16.63
N LEU B 235 16.49 -18.52 16.31
CA LEU B 235 15.57 -19.02 17.31
C LEU B 235 15.89 -20.48 17.64
N SER B 236 16.06 -20.75 18.91
CA SER B 236 16.34 -22.13 19.32
C SER B 236 15.04 -22.92 19.38
N PRO B 237 14.99 -24.10 18.77
CA PRO B 237 13.75 -24.91 18.85
C PRO B 237 13.40 -25.32 20.26
N ASN B 238 14.39 -25.65 21.10
CA ASN B 238 14.10 -25.96 22.49
C ASN B 238 13.45 -24.78 23.20
N SER B 239 13.96 -23.57 22.97
CA SER B 239 13.37 -22.39 23.60
C SER B 239 11.93 -22.18 23.15
N LEU B 240 11.68 -22.34 21.84
CA LEU B 240 10.31 -22.22 21.36
C LEU B 240 9.40 -23.24 22.04
N GLN B 241 9.85 -24.49 22.11
CA GLN B 241 9.00 -25.53 22.71
C GLN B 241 8.75 -25.27 24.18
N SER B 242 9.76 -24.76 24.90
CA SER B 242 9.54 -24.41 26.30
C SER B 242 8.51 -23.31 26.44
N ALA B 243 8.59 -22.27 25.59
CA ALA B 243 7.61 -21.21 25.67
C ALA B 243 6.20 -21.74 25.37
N ILE B 244 6.10 -22.61 24.36
CA ILE B 244 4.81 -23.17 23.97
C ILE B 244 4.22 -23.98 25.12
N LEU B 245 5.04 -24.82 25.77
CA LEU B 245 4.55 -25.65 26.85
C LEU B 245 4.16 -24.81 28.06
N ALA B 246 4.90 -23.74 28.32
CA ALA B 246 4.49 -22.84 29.41
C ALA B 246 3.14 -22.23 29.11
N ASP B 247 2.93 -21.78 27.87
CA ASP B 247 1.66 -21.16 27.52
C ASP B 247 0.51 -22.17 27.61
N ILE B 248 0.74 -23.40 27.17
CA ILE B 248 -0.29 -24.42 27.27
C ILE B 248 -0.64 -24.66 28.73
N GLU B 249 0.38 -24.79 29.58
CA GLU B 249 0.15 -25.02 31.01
C GLU B 249 -0.63 -23.88 31.65
N SER B 250 -0.50 -22.66 31.13
CA SER B 250 -1.24 -21.51 31.64
C SER B 250 -2.65 -21.44 31.08
N GLY B 251 -3.04 -22.38 30.23
CA GLY B 251 -4.36 -22.36 29.64
C GLY B 251 -4.51 -21.45 28.45
N LEU B 252 -3.42 -21.07 27.79
CA LEU B 252 -3.47 -20.19 26.65
C LEU B 252 -3.53 -21.01 25.35
N VAL B 253 -3.64 -20.32 24.22
CA VAL B 253 -3.88 -20.94 22.93
C VAL B 253 -2.76 -20.55 21.99
N PRO B 254 -1.77 -21.43 21.78
CA PRO B 254 -0.72 -21.14 20.80
C PRO B 254 -1.31 -21.01 19.41
N LEU B 255 -0.83 -20.04 18.64
CA LEU B 255 -1.48 -19.76 17.36
C LEU B 255 -0.49 -19.66 16.21
N PHE B 256 0.57 -18.88 16.38
CA PHE B 256 1.30 -18.35 15.24
C PHE B 256 2.78 -18.18 15.59
N LEU B 257 3.65 -18.67 14.72
CA LEU B 257 5.08 -18.45 14.80
C LEU B 257 5.55 -17.73 13.56
N CYS B 258 6.40 -16.73 13.75
CA CYS B 258 7.06 -16.02 12.66
C CYS B 258 8.55 -16.33 12.77
N ALA B 259 9.02 -17.23 11.92
CA ALA B 259 10.44 -17.53 11.85
C ALA B 259 11.06 -16.66 10.76
N THR B 260 12.32 -16.29 10.97
CA THR B 260 12.94 -15.27 10.13
C THR B 260 14.22 -15.80 9.51
N VAL B 261 14.38 -15.52 8.22
CA VAL B 261 15.62 -15.81 7.49
C VAL B 261 16.23 -14.46 7.13
N GLY B 262 17.33 -14.12 7.80
CA GLY B 262 17.98 -12.84 7.59
C GLY B 262 17.37 -11.73 8.42
N THR B 263 17.60 -11.77 9.73
CA THR B 263 17.06 -10.73 10.62
C THR B 263 17.68 -9.37 10.31
N THR B 264 16.97 -8.32 10.74
CA THR B 264 17.42 -6.96 10.45
C THR B 264 18.74 -6.65 11.13
N SER B 265 18.89 -7.08 12.39
CA SER B 265 20.07 -6.70 13.17
C SER B 265 21.34 -7.31 12.58
N SER B 266 21.40 -8.64 12.50
CA SER B 266 22.62 -9.31 12.08
C SER B 266 22.40 -10.31 10.95
N THR B 267 21.23 -10.28 10.31
CA THR B 267 20.81 -11.31 9.39
C THR B 267 21.13 -12.70 9.94
N ALA B 268 20.67 -12.93 11.16
CA ALA B 268 20.62 -14.28 11.68
C ALA B 268 19.56 -15.08 10.91
N VAL B 269 19.64 -16.41 11.03
CA VAL B 269 18.80 -17.31 10.25
C VAL B 269 18.18 -18.33 11.20
N ASP B 270 16.86 -18.35 11.25
CA ASP B 270 16.18 -19.31 12.08
C ASP B 270 16.18 -20.69 11.42
N PRO B 271 16.27 -21.75 12.21
CA PRO B 271 16.25 -23.09 11.62
C PRO B 271 14.82 -23.56 11.34
N ILE B 272 14.40 -23.43 10.08
CA ILE B 272 12.97 -23.57 9.77
C ILE B 272 12.51 -25.00 9.95
N GLY B 273 13.34 -25.97 9.58
CA GLY B 273 12.95 -27.36 9.65
C GLY B 273 12.52 -27.76 11.04
N PRO B 274 13.46 -27.74 11.98
CA PRO B 274 13.13 -28.07 13.37
C PRO B 274 12.12 -27.11 14.00
N LEU B 275 12.11 -25.84 13.61
CA LEU B 275 11.08 -24.93 14.11
C LEU B 275 9.68 -25.43 13.74
N CYS B 276 9.45 -25.70 12.45
CA CYS B 276 8.15 -26.23 12.03
C CYS B 276 7.87 -27.58 12.67
N ALA B 277 8.90 -28.39 12.91
CA ALA B 277 8.68 -29.67 13.56
C ALA B 277 8.12 -29.47 14.96
N VAL B 278 8.63 -28.48 15.69
CA VAL B 278 8.03 -28.14 16.98
C VAL B 278 6.61 -27.61 16.80
N ALA B 279 6.41 -26.74 15.81
CA ALA B 279 5.12 -26.07 15.68
C ALA B 279 4.01 -27.06 15.36
N LYS B 280 4.28 -28.00 14.45
CA LYS B 280 3.24 -28.95 14.05
C LYS B 280 2.74 -29.76 15.23
N LEU B 281 3.60 -29.96 16.24
CA LEU B 281 3.18 -30.68 17.44
C LEU B 281 1.97 -30.02 18.09
N TYR B 282 1.78 -28.72 17.87
CA TYR B 282 0.76 -27.96 18.58
C TYR B 282 -0.18 -27.22 17.63
N GLY B 283 -0.17 -27.54 16.34
CA GLY B 283 -1.06 -26.91 15.39
C GLY B 283 -0.79 -25.45 15.11
N ILE B 284 0.46 -25.02 15.25
CA ILE B 284 0.83 -23.61 15.11
C ILE B 284 1.03 -23.28 13.64
N TRP B 285 0.53 -22.12 13.21
CA TRP B 285 0.75 -21.61 11.86
C TRP B 285 2.13 -20.98 11.79
N VAL B 286 2.93 -21.38 10.81
CA VAL B 286 4.30 -20.90 10.68
C VAL B 286 4.41 -20.03 9.43
N HIS B 287 4.82 -18.78 9.63
CA HIS B 287 5.13 -17.87 8.55
C HIS B 287 6.63 -17.60 8.52
N ILE B 288 7.19 -17.62 7.32
CA ILE B 288 8.62 -17.42 7.10
C ILE B 288 8.81 -16.02 6.55
N ASP B 289 9.34 -15.14 7.40
CA ASP B 289 9.75 -13.79 7.01
C ASP B 289 11.16 -13.88 6.47
N ALA B 290 11.31 -13.80 5.15
CA ALA B 290 12.59 -13.70 4.47
C ALA B 290 12.69 -12.42 3.68
N ALA B 291 12.20 -11.32 4.28
CA ALA B 291 12.04 -10.04 3.56
C ALA B 291 13.27 -9.67 2.75
N TYR B 292 14.43 -9.64 3.40
CA TYR B 292 15.67 -9.28 2.72
C TYR B 292 16.28 -10.48 2.01
N ALA B 293 16.63 -11.51 2.78
CA ALA B 293 17.49 -12.57 2.28
C ALA B 293 16.77 -13.54 1.32
N GLY B 294 15.43 -13.54 1.32
CA GLY B 294 14.71 -14.52 0.53
C GLY B 294 15.20 -14.58 -0.92
N SER B 295 15.45 -13.42 -1.52
CA SER B 295 15.81 -13.38 -2.94
C SER B 295 17.10 -14.14 -3.21
N ALA B 296 18.06 -14.07 -2.28
CA ALA B 296 19.30 -14.79 -2.49
C ALA B 296 19.05 -16.27 -2.75
N CYS B 297 17.93 -16.80 -2.28
CA CYS B 297 17.64 -18.21 -2.46
C CYS B 297 17.29 -18.58 -3.90
N ILE B 298 17.38 -17.68 -4.88
CA ILE B 298 17.28 -18.18 -6.25
C ILE B 298 18.59 -18.83 -6.69
N CYS B 299 19.69 -18.52 -6.03
CA CYS B 299 20.98 -19.15 -6.33
C CYS B 299 21.06 -20.50 -5.63
N PRO B 300 21.53 -21.55 -6.31
CA PRO B 300 21.61 -22.87 -5.66
C PRO B 300 22.35 -22.87 -4.33
N GLU B 301 23.44 -22.10 -4.20
CA GLU B 301 24.25 -22.17 -2.98
C GLU B 301 23.61 -21.46 -1.80
N PHE B 302 22.57 -20.67 -2.01
CA PHE B 302 21.88 -19.99 -0.92
C PHE B 302 20.55 -20.66 -0.55
N ARG B 303 20.04 -21.55 -1.40
CA ARG B 303 18.69 -22.08 -1.23
C ARG B 303 18.55 -22.83 0.09
N HIS B 304 19.61 -23.48 0.55
CA HIS B 304 19.53 -24.25 1.79
C HIS B 304 19.01 -23.41 2.96
N PHE B 305 19.15 -22.08 2.92
CA PHE B 305 18.69 -21.28 4.05
C PHE B 305 17.18 -21.39 4.26
N ILE B 306 16.42 -21.69 3.21
CA ILE B 306 14.97 -21.82 3.37
C ILE B 306 14.54 -23.28 3.27
N ASP B 307 15.45 -24.23 3.50
CA ASP B 307 15.04 -25.62 3.66
C ASP B 307 14.03 -25.72 4.79
N GLY B 308 13.08 -26.64 4.64
CA GLY B 308 12.01 -26.77 5.59
C GLY B 308 10.81 -25.90 5.31
N VAL B 309 10.93 -24.91 4.40
CA VAL B 309 9.78 -24.12 3.98
C VAL B 309 8.60 -25.02 3.65
N GLU B 310 8.87 -26.19 3.08
CA GLU B 310 7.80 -27.15 2.76
C GLU B 310 6.98 -27.54 3.97
N ASP B 311 7.52 -27.38 5.18
CA ASP B 311 6.82 -27.69 6.42
C ASP B 311 6.16 -26.48 7.05
N ALA B 312 6.28 -25.31 6.43
CA ALA B 312 5.71 -24.07 6.96
C ALA B 312 4.36 -23.81 6.31
N ASP B 313 3.71 -22.72 6.73
CA ASP B 313 2.38 -22.37 6.23
C ASP B 313 2.36 -21.18 5.29
N SER B 314 3.29 -20.24 5.42
CA SER B 314 3.37 -19.14 4.48
C SER B 314 4.81 -18.65 4.38
N PHE B 315 5.11 -17.97 3.28
CA PHE B 315 6.48 -17.52 3.03
C PHE B 315 6.44 -16.20 2.29
N SER B 316 7.19 -15.20 2.77
CA SER B 316 7.20 -13.91 2.09
C SER B 316 8.61 -13.36 1.95
N LEU B 317 8.79 -12.53 0.92
CA LEU B 317 10.02 -11.78 0.74
C LEU B 317 9.70 -10.40 0.20
N ASN B 318 10.65 -9.47 0.34
CA ASN B 318 10.49 -8.11 -0.17
C ASN B 318 11.35 -7.97 -1.42
N ALA B 319 10.70 -8.05 -2.59
CA ALA B 319 11.44 -7.90 -3.84
C ALA B 319 12.00 -6.50 -4.02
N HIS B 320 11.59 -5.54 -3.20
CA HIS B 320 12.19 -4.20 -3.24
C HIS B 320 13.41 -4.06 -2.33
N TRP B 322 15.94 -6.66 -2.09
CA TRP B 322 17.08 -7.28 -2.76
C TRP B 322 16.73 -7.97 -4.08
N PHE B 323 15.79 -7.38 -4.84
CA PHE B 323 15.44 -7.98 -6.13
C PHE B 323 14.98 -6.93 -7.13
N PHE B 324 15.47 -5.70 -7.01
CA PHE B 324 15.54 -4.71 -8.08
C PHE B 324 14.18 -4.21 -8.56
N THR B 325 13.08 -4.59 -7.90
CA THR B 325 11.78 -4.20 -8.41
C THR B 325 11.55 -2.70 -8.29
N THR B 326 12.13 -2.07 -7.27
CA THR B 326 11.71 -0.73 -6.85
C THR B 326 10.56 -0.85 -5.85
N LEU B 327 10.32 0.21 -5.06
CA LEU B 327 9.30 0.19 -4.04
C LEU B 327 7.92 0.32 -4.66
N ASP B 328 6.97 -0.51 -4.24
CA ASP B 328 7.15 -1.61 -3.29
C ASP B 328 6.57 -2.89 -3.88
N CYS B 329 7.02 -4.04 -3.37
CA CYS B 329 6.64 -5.30 -3.98
C CYS B 329 7.00 -6.47 -3.08
N CYS B 330 6.14 -6.75 -2.11
CA CYS B 330 6.28 -7.91 -1.24
C CYS B 330 5.56 -9.10 -1.86
N CYS B 331 6.22 -10.26 -1.84
CA CYS B 331 5.70 -11.49 -2.43
C CYS B 331 5.30 -12.45 -1.32
N LEU B 332 4.03 -12.87 -1.32
CA LEU B 332 3.49 -13.77 -0.30
C LEU B 332 2.99 -15.04 -0.96
N TRP B 333 3.57 -16.17 -0.60
CA TRP B 333 3.08 -17.48 -1.02
C TRP B 333 2.46 -18.20 0.16
N VAL B 334 1.39 -18.95 -0.12
CA VAL B 334 0.60 -19.61 0.91
C VAL B 334 0.30 -21.04 0.47
N LYS B 335 0.23 -21.93 1.45
CA LYS B 335 -0.06 -23.34 1.18
C LYS B 335 -1.55 -23.61 1.07
N ASP B 336 -2.38 -22.72 1.63
CA ASP B 336 -3.84 -22.89 1.74
C ASP B 336 -4.46 -21.51 1.49
N SER B 337 -4.63 -21.18 0.21
CA SER B 337 -5.14 -19.85 -0.13
C SER B 337 -6.56 -19.64 0.38
N ASP B 338 -7.31 -20.72 0.56
CA ASP B 338 -8.69 -20.58 1.04
C ASP B 338 -8.74 -19.93 2.42
N SER B 339 -7.70 -20.10 3.24
CA SER B 339 -7.69 -19.48 4.56
C SER B 339 -7.52 -17.97 4.45
N LEU B 340 -6.56 -17.51 3.65
CA LEU B 340 -6.49 -16.10 3.28
C LEU B 340 -7.86 -15.57 2.86
N VAL B 341 -8.42 -16.17 1.80
CA VAL B 341 -9.67 -15.67 1.25
C VAL B 341 -10.75 -15.62 2.31
N LYS B 342 -10.94 -16.71 3.05
CA LYS B 342 -12.00 -16.77 4.05
C LYS B 342 -11.83 -15.70 5.11
N ALA B 343 -10.60 -15.47 5.57
CA ALA B 343 -10.38 -14.45 6.59
C ALA B 343 -10.66 -13.05 6.05
N LEU B 344 -10.22 -12.76 4.82
CA LEU B 344 -10.25 -11.41 4.29
C LEU B 344 -11.43 -11.12 3.38
N SER B 345 -12.19 -12.13 2.98
CA SER B 345 -13.18 -11.95 1.92
C SER B 345 -14.36 -11.10 2.37
N THR B 346 -14.84 -10.27 1.45
CA THR B 346 -16.16 -9.64 1.52
C THR B 346 -16.59 -9.40 0.08
N SER B 347 -17.81 -9.83 -0.26
CA SER B 347 -18.34 -9.71 -1.61
C SER B 347 -19.62 -8.88 -1.57
N PRO B 348 -19.51 -7.55 -1.69
CA PRO B 348 -20.72 -6.70 -1.68
C PRO B 348 -21.50 -6.82 -2.99
N GLU B 349 -22.39 -5.89 -3.27
CA GLU B 349 -23.10 -6.06 -4.52
C GLU B 349 -22.61 -5.10 -5.62
N TYR B 350 -22.05 -3.96 -5.23
CA TYR B 350 -21.56 -3.03 -6.24
C TYR B 350 -20.41 -3.64 -7.04
N LEU B 351 -19.70 -4.61 -6.51
CA LEU B 351 -18.60 -5.12 -7.32
C LEU B 351 -18.77 -6.58 -7.69
N LYS B 352 -19.97 -6.90 -8.14
CA LYS B 352 -20.36 -8.23 -8.59
C LYS B 352 -20.97 -8.16 -9.98
N ASN B 353 -21.38 -6.95 -10.36
CA ASN B 353 -22.01 -6.59 -11.64
C ASN B 353 -22.63 -7.68 -12.50
N LYS B 359 -16.76 -18.34 -11.19
CA LYS B 359 -16.18 -18.60 -12.51
C LYS B 359 -14.74 -19.08 -12.37
N GLN B 360 -14.34 -19.36 -11.13
CA GLN B 360 -13.01 -19.87 -10.81
C GLN B 360 -11.91 -18.86 -11.13
N VAL B 361 -12.26 -17.58 -11.14
CA VAL B 361 -11.28 -16.51 -11.33
C VAL B 361 -10.70 -16.15 -9.96
N ILE B 362 -9.59 -15.42 -9.95
CA ILE B 362 -9.01 -14.92 -8.71
C ILE B 362 -9.50 -13.50 -8.49
N ASP B 363 -9.99 -13.24 -7.28
CA ASP B 363 -10.30 -11.88 -6.82
C ASP B 363 -9.24 -11.54 -5.77
N TYR B 364 -8.23 -10.76 -6.17
CA TYR B 364 -7.09 -10.51 -5.30
C TYR B 364 -7.42 -9.60 -4.13
N LYS B 365 -8.55 -8.88 -4.16
CA LYS B 365 -8.95 -8.11 -2.99
C LYS B 365 -9.16 -8.99 -1.77
N ASP B 366 -9.44 -10.28 -1.97
CA ASP B 366 -9.66 -11.23 -0.88
C ASP B 366 -8.37 -11.89 -0.37
N TRP B 367 -7.22 -11.53 -0.94
CA TRP B 367 -5.93 -12.05 -0.51
C TRP B 367 -5.11 -11.04 0.28
N GLN B 368 -5.58 -9.81 0.41
CA GLN B 368 -4.79 -8.76 1.02
C GLN B 368 -5.71 -7.81 1.78
N ILE B 369 -5.11 -6.76 2.35
CA ILE B 369 -5.87 -5.79 3.12
C ILE B 369 -6.65 -4.87 2.21
N ALA B 370 -5.95 -4.19 1.30
CA ALA B 370 -6.57 -3.17 0.46
C ALA B 370 -7.63 -3.80 -0.45
N LEU B 371 -8.69 -3.03 -0.70
CA LEU B 371 -9.62 -3.39 -1.76
C LEU B 371 -9.03 -3.04 -3.12
N SER B 372 -8.73 -1.76 -3.34
CA SER B 372 -7.97 -1.36 -4.52
C SER B 372 -6.59 -2.00 -4.52
N ARG B 373 -6.12 -2.33 -5.72
CA ARG B 373 -4.81 -2.92 -5.89
C ARG B 373 -4.11 -2.28 -7.06
N ARG B 374 -2.80 -2.07 -6.92
CA ARG B 374 -1.99 -1.57 -8.01
C ARG B 374 -1.51 -2.74 -8.86
N PHE B 375 -1.31 -2.45 -10.15
CA PHE B 375 -0.78 -3.40 -11.11
C PHE B 375 0.68 -3.69 -10.77
N ARG B 376 0.92 -4.35 -9.64
CA ARG B 376 2.31 -4.56 -9.19
C ARG B 376 3.03 -5.57 -10.06
N SER B 377 2.31 -6.58 -10.57
CA SER B 377 2.96 -7.65 -11.33
C SER B 377 3.80 -7.12 -12.47
N MET B 378 3.58 -5.87 -12.88
CA MET B 378 4.33 -5.32 -14.00
C MET B 378 5.80 -5.12 -13.65
N LYS B 379 6.09 -4.54 -12.47
CA LYS B 379 7.47 -4.39 -12.02
C LYS B 379 8.21 -5.72 -12.05
N LEU B 380 7.62 -6.73 -11.41
CA LEU B 380 8.28 -8.02 -11.30
C LEU B 380 8.47 -8.65 -12.68
N TRP B 381 7.44 -8.58 -13.52
CA TRP B 381 7.54 -9.10 -14.88
C TRP B 381 8.70 -8.45 -15.63
N LEU B 382 8.76 -7.12 -15.62
CA LEU B 382 9.79 -6.41 -16.36
C LEU B 382 11.18 -6.71 -15.83
N VAL B 383 11.33 -6.81 -14.50
CA VAL B 383 12.64 -7.15 -13.94
C VAL B 383 13.07 -8.52 -14.44
N LEU B 384 12.20 -9.52 -14.27
CA LEU B 384 12.54 -10.88 -14.69
C LEU B 384 12.90 -10.92 -16.17
N ARG B 385 12.07 -10.31 -17.03
CA ARG B 385 12.31 -10.41 -18.46
C ARG B 385 13.53 -9.60 -18.91
N SER B 386 13.70 -8.38 -18.39
CA SER B 386 14.82 -7.57 -18.82
C SER B 386 16.16 -8.20 -18.45
N TYR B 387 16.24 -8.85 -17.28
CA TYR B 387 17.56 -9.31 -16.85
C TYR B 387 17.79 -10.82 -16.97
N GLY B 388 16.78 -11.66 -16.80
CA GLY B 388 17.01 -13.08 -16.87
C GLY B 388 17.57 -13.63 -15.58
N VAL B 389 17.32 -14.92 -15.35
CA VAL B 389 17.76 -15.57 -14.13
C VAL B 389 19.27 -15.47 -13.96
N ALA B 390 20.01 -15.66 -15.05
CA ALA B 390 21.48 -15.65 -14.97
C ALA B 390 21.99 -14.32 -14.48
N ASN B 391 21.55 -13.22 -15.11
CA ASN B 391 22.01 -11.90 -14.69
C ASN B 391 21.52 -11.55 -13.29
N LEU B 392 20.31 -11.97 -12.91
CA LEU B 392 19.86 -11.72 -11.54
C LEU B 392 20.76 -12.40 -10.52
N ARG B 393 21.07 -13.68 -10.75
CA ARG B 393 21.99 -14.40 -9.87
C ARG B 393 23.34 -13.72 -9.85
N THR B 394 23.80 -13.23 -11.01
CA THR B 394 25.06 -12.50 -11.05
C THR B 394 25.01 -11.25 -10.18
N PHE B 395 23.91 -10.51 -10.23
CA PHE B 395 23.76 -9.32 -9.39
C PHE B 395 23.90 -9.67 -7.91
N LEU B 396 23.11 -10.66 -7.46
CA LEU B 396 23.16 -11.04 -6.06
C LEU B 396 24.55 -11.51 -5.65
N ARG B 397 25.17 -12.35 -6.49
CA ARG B 397 26.52 -12.82 -6.18
C ARG B 397 27.53 -11.68 -6.18
N SER B 398 27.29 -10.63 -6.97
CA SER B 398 28.14 -9.45 -6.91
C SER B 398 28.08 -8.82 -5.53
N HIS B 399 26.87 -8.59 -5.04
CA HIS B 399 26.73 -8.06 -3.69
C HIS B 399 27.44 -8.94 -2.67
N VAL B 400 27.25 -10.26 -2.77
CA VAL B 400 27.86 -11.17 -1.78
C VAL B 400 29.37 -11.10 -1.86
N LYS B 401 29.92 -11.05 -3.07
CA LYS B 401 31.36 -10.99 -3.26
C LYS B 401 31.92 -9.68 -2.70
N MET B 402 31.19 -8.57 -2.88
CA MET B 402 31.62 -7.31 -2.29
C MET B 402 31.60 -7.37 -0.76
N ALA B 403 30.58 -8.01 -0.19
CA ALA B 403 30.55 -8.15 1.26
C ALA B 403 31.72 -8.99 1.76
N LYS B 404 32.03 -10.08 1.05
CA LYS B 404 33.19 -10.90 1.41
C LYS B 404 34.47 -10.08 1.35
N HIS B 405 34.59 -9.22 0.33
CA HIS B 405 35.77 -8.38 0.20
C HIS B 405 35.88 -7.40 1.36
N PHE B 406 34.75 -6.79 1.76
CA PHE B 406 34.74 -5.92 2.92
C PHE B 406 35.19 -6.68 4.18
N GLN B 407 34.69 -7.91 4.36
CA GLN B 407 35.06 -8.69 5.52
C GLN B 407 36.54 -9.03 5.53
N GLY B 408 37.13 -9.30 4.36
CA GLY B 408 38.57 -9.50 4.29
C GLY B 408 39.35 -8.27 4.69
N LEU B 409 38.97 -7.12 4.12
CA LEU B 409 39.60 -5.87 4.51
C LEU B 409 39.60 -5.71 6.03
N ILE B 410 38.44 -5.94 6.65
CA ILE B 410 38.37 -5.91 8.10
C ILE B 410 39.36 -6.90 8.72
N GLY B 411 39.46 -8.10 8.14
CA GLY B 411 40.38 -9.09 8.64
C GLY B 411 41.83 -8.66 8.61
N MET B 412 42.15 -7.61 7.84
CA MET B 412 43.51 -7.06 7.81
CA MET B 412 43.52 -7.10 7.84
C MET B 412 43.76 -6.01 8.89
N ASP B 413 42.84 -5.85 9.85
CA ASP B 413 42.98 -4.80 10.88
C ASP B 413 42.58 -5.36 12.25
N ASN B 414 43.56 -5.72 13.07
CA ASN B 414 43.31 -6.41 14.33
C ASN B 414 42.60 -5.54 15.36
N ARG B 415 42.29 -4.29 15.03
CA ARG B 415 41.50 -3.44 15.91
C ARG B 415 40.01 -3.73 15.83
N PHE B 416 39.56 -4.45 14.80
CA PHE B 416 38.15 -4.77 14.60
C PHE B 416 37.92 -6.28 14.75
N GLU B 417 36.65 -6.66 14.84
CA GLU B 417 36.26 -8.07 14.79
C GLU B 417 34.97 -8.22 14.00
N ILE B 418 34.68 -9.45 13.58
CA ILE B 418 33.38 -9.81 13.03
C ILE B 418 32.53 -10.38 14.17
N VAL B 419 31.37 -9.77 14.43
CA VAL B 419 30.60 -10.13 15.61
C VAL B 419 29.77 -11.38 15.39
N VAL B 420 29.21 -11.54 14.19
CA VAL B 420 28.45 -12.73 13.83
C VAL B 420 28.78 -13.09 12.39
N PRO B 421 28.61 -14.37 12.03
CA PRO B 421 28.97 -14.79 10.67
C PRO B 421 28.14 -14.10 9.60
N ARG B 422 28.82 -13.67 8.55
CA ARG B 422 28.16 -13.08 7.38
C ARG B 422 27.36 -14.15 6.64
N THR B 423 26.03 -14.02 6.64
CA THR B 423 25.17 -14.99 6.00
C THR B 423 24.82 -14.60 4.56
N PHE B 424 24.76 -13.31 4.25
CA PHE B 424 24.46 -12.90 2.90
C PHE B 424 25.41 -11.78 2.47
N ALA B 425 24.90 -10.58 2.24
CA ALA B 425 25.72 -9.45 1.84
C ALA B 425 25.79 -8.38 2.92
N MET B 426 25.61 -8.76 4.18
CA MET B 426 25.74 -7.83 5.31
C MET B 426 26.82 -8.35 6.26
N VAL B 427 27.74 -7.46 6.62
CA VAL B 427 28.83 -7.78 7.53
C VAL B 427 28.64 -7.00 8.83
N CYS B 428 28.81 -7.67 9.97
CA CYS B 428 28.61 -7.04 11.28
C CYS B 428 29.95 -6.99 12.02
N PHE B 429 30.42 -5.78 12.34
CA PHE B 429 31.76 -5.63 12.88
C PHE B 429 31.81 -4.55 13.95
N ARG B 430 32.91 -4.52 14.70
CA ARG B 430 33.12 -3.50 15.72
C ARG B 430 34.60 -3.42 16.05
N LEU B 431 34.99 -2.26 16.59
CA LEU B 431 36.26 -2.17 17.31
C LEU B 431 36.21 -3.08 18.53
N LYS B 432 37.24 -3.89 18.71
CA LYS B 432 37.29 -4.78 19.86
C LYS B 432 37.60 -3.98 21.12
N PRO B 433 37.22 -4.50 22.29
CA PRO B 433 37.71 -3.89 23.54
C PRO B 433 39.21 -3.62 23.53
N THR B 434 40.03 -4.55 23.04
CA THR B 434 41.48 -4.39 23.07
C THR B 434 41.93 -3.23 22.19
N ALA B 435 41.00 -2.63 21.45
CA ALA B 435 41.32 -1.47 20.64
C ALA B 435 41.40 -0.19 21.46
N ILE B 436 40.78 -0.16 22.64
CA ILE B 436 40.87 1.01 23.52
C ILE B 436 41.33 0.66 24.92
N PHE B 437 41.29 -0.60 25.36
CA PHE B 437 41.81 -1.03 26.65
C PHE B 437 43.07 -1.87 26.41
N LYS B 438 44.24 -1.29 26.64
CA LYS B 438 45.51 -1.99 26.44
C LYS B 438 45.93 -2.69 27.73
N GLN B 439 45.11 -3.63 28.17
CA GLN B 439 45.32 -4.26 29.47
C GLN B 439 44.91 -5.72 29.43
N LYS B 440 45.59 -6.52 30.26
CA LYS B 440 45.33 -7.95 30.36
C LYS B 440 44.17 -8.27 31.29
N ILE B 441 43.18 -7.39 31.36
CA ILE B 441 42.04 -7.56 32.26
C ILE B 441 40.95 -8.35 31.55
N VAL B 442 40.31 -9.23 32.30
CA VAL B 442 39.21 -10.01 31.75
C VAL B 442 38.05 -9.07 31.41
N ASP B 443 37.36 -9.36 30.31
CA ASP B 443 36.21 -8.59 29.89
C ASP B 443 35.20 -8.49 31.03
N ASN B 444 34.46 -7.38 31.06
CA ASN B 444 33.36 -7.21 32.01
C ASN B 444 32.39 -6.19 31.45
N ASP B 445 31.36 -5.86 32.26
CA ASP B 445 30.28 -5.03 31.76
C ASP B 445 30.75 -3.61 31.45
N TYR B 446 31.61 -3.05 32.30
CA TYR B 446 32.08 -1.69 32.07
C TYR B 446 32.93 -1.62 30.80
N ILE B 447 33.81 -2.60 30.60
CA ILE B 447 34.65 -2.61 29.41
C ILE B 447 33.78 -2.70 28.17
N GLU B 448 32.78 -3.58 28.19
CA GLU B 448 31.91 -3.73 27.03
C GLU B 448 31.10 -2.46 26.79
N ASP B 449 30.69 -1.77 27.85
CA ASP B 449 29.97 -0.52 27.67
C ASP B 449 30.85 0.54 27.02
N GLN B 450 32.10 0.65 27.45
CA GLN B 450 33.00 1.64 26.85
C GLN B 450 33.32 1.30 25.40
N THR B 451 33.44 0.00 25.08
CA THR B 451 33.61 -0.39 23.68
C THR B 451 32.37 -0.05 22.85
N ASN B 452 31.18 -0.28 23.42
CA ASN B 452 29.96 0.16 22.75
C ASN B 452 30.01 1.65 22.47
N GLU B 453 30.50 2.43 23.44
CA GLU B 453 30.52 3.88 23.28
C GLU B 453 31.47 4.30 22.17
N VAL B 454 32.66 3.69 22.10
CA VAL B 454 33.58 4.10 21.05
C VAL B 454 33.02 3.68 19.69
N ASN B 455 32.28 2.57 19.62
CA ASN B 455 31.70 2.21 18.33
C ASN B 455 30.55 3.13 17.93
N VAL B 456 29.75 3.57 18.92
CA VAL B 456 28.76 4.61 18.66
C VAL B 456 29.43 5.84 18.07
N LYS B 457 30.54 6.26 18.70
CA LYS B 457 31.27 7.45 18.26
C LYS B 457 31.80 7.29 16.85
N LEU B 458 32.37 6.13 16.54
CA LEU B 458 32.93 5.89 15.22
C LEU B 458 31.84 5.93 14.15
N LEU B 459 30.74 5.20 14.37
CA LEU B 459 29.68 5.19 13.37
C LEU B 459 29.12 6.59 13.15
N GLU B 460 28.90 7.36 14.23
CA GLU B 460 28.33 8.68 14.03
C GLU B 460 29.29 9.60 13.30
N SER B 461 30.59 9.52 13.60
CA SER B 461 31.57 10.32 12.87
C SER B 461 31.53 9.98 11.38
N VAL B 462 31.54 8.69 11.05
CA VAL B 462 31.50 8.27 9.65
C VAL B 462 30.26 8.82 8.95
N ASN B 463 29.08 8.59 9.54
CA ASN B 463 27.85 9.07 8.92
C ASN B 463 27.87 10.58 8.74
N ALA B 464 28.32 11.31 9.76
CA ALA B 464 28.31 12.76 9.67
C ALA B 464 29.23 13.25 8.56
N SER B 465 30.30 12.52 8.28
CA SER B 465 31.15 12.89 7.14
C SER B 465 30.33 13.03 5.86
N GLY B 466 29.28 12.21 5.71
CA GLY B 466 28.48 12.18 4.50
C GLY B 466 29.05 11.32 3.40
N LYS B 467 30.24 10.74 3.59
CA LYS B 467 30.88 9.95 2.55
C LYS B 467 30.20 8.60 2.35
N ILE B 468 29.69 7.99 3.42
CA ILE B 468 28.96 6.73 3.34
C ILE B 468 27.89 6.75 4.41
N TYR B 469 27.09 5.69 4.48
CA TYR B 469 26.02 5.61 5.48
C TYR B 469 25.82 4.16 5.87
N MET B 470 25.95 3.89 7.16
CA MET B 470 25.68 2.59 7.74
C MET B 470 24.83 2.75 8.99
N THR B 471 24.06 1.71 9.32
CA THR B 471 23.30 1.69 10.56
C THR B 471 23.92 0.68 11.52
N HIS B 472 23.39 0.65 12.73
CA HIS B 472 23.93 -0.13 13.81
C HIS B 472 22.90 -1.14 14.28
N ALA B 473 23.36 -2.06 15.12
CA ALA B 473 22.44 -2.95 15.81
C ALA B 473 23.14 -3.46 17.07
N VAL B 474 22.34 -3.79 18.07
CA VAL B 474 22.83 -4.41 19.29
C VAL B 474 22.35 -5.86 19.30
N VAL B 475 23.30 -6.78 19.35
CA VAL B 475 23.00 -8.19 19.58
C VAL B 475 23.67 -8.63 20.88
N GLY B 476 22.88 -9.20 21.79
CA GLY B 476 23.40 -9.65 23.06
C GLY B 476 24.16 -8.60 23.85
N GLY B 477 23.71 -7.35 23.78
CA GLY B 477 24.39 -6.27 24.45
C GLY B 477 25.56 -5.67 23.69
N VAL B 478 26.11 -6.39 22.73
CA VAL B 478 27.20 -5.86 21.92
C VAL B 478 26.63 -4.92 20.87
N TYR B 479 27.04 -3.66 20.91
CA TYR B 479 26.74 -2.69 19.87
C TYR B 479 27.70 -2.89 18.71
N MET B 480 27.17 -2.92 17.49
CA MET B 480 28.01 -3.23 16.34
C MET B 480 27.48 -2.52 15.12
N ILE B 481 28.36 -2.40 14.11
CA ILE B 481 28.08 -1.67 12.87
C ILE B 481 27.76 -2.66 11.75
N ARG B 482 26.69 -2.39 11.01
CA ARG B 482 26.27 -3.20 9.87
C ARG B 482 26.76 -2.55 8.57
N PHE B 483 27.45 -3.32 7.76
CA PHE B 483 27.78 -2.94 6.39
C PHE B 483 26.91 -3.80 5.49
N ALA B 484 25.83 -3.20 4.99
CA ALA B 484 24.83 -3.92 4.19
C ALA B 484 24.92 -3.39 2.77
N VAL B 485 25.62 -4.13 1.91
CA VAL B 485 25.90 -3.71 0.54
C VAL B 485 24.87 -4.37 -0.37
N GLY B 486 24.26 -3.58 -1.24
CA GLY B 486 23.25 -4.07 -2.14
C GLY B 486 22.66 -3.00 -3.03
N ALA B 487 22.95 -1.73 -2.74
CA ALA B 487 22.55 -0.66 -3.64
C ALA B 487 22.96 -0.99 -5.06
N THR B 488 22.05 -0.73 -6.01
CA THR B 488 22.27 -1.19 -7.37
C THR B 488 23.47 -0.51 -8.01
N LEU B 489 23.74 0.75 -7.66
CA LEU B 489 24.87 1.46 -8.25
C LEU B 489 26.20 1.10 -7.60
N THR B 490 26.21 0.46 -6.44
CA THR B 490 27.46 0.18 -5.75
C THR B 490 28.39 -0.67 -6.62
N GLU B 491 29.67 -0.32 -6.59
CA GLU B 491 30.72 -1.05 -7.27
C GLU B 491 31.85 -1.32 -6.29
N GLU B 492 32.80 -2.16 -6.69
CA GLU B 492 33.89 -2.56 -5.81
C GLU B 492 34.62 -1.35 -5.21
N ARG B 493 34.86 -0.33 -6.04
CA ARG B 493 35.61 0.82 -5.56
C ARG B 493 34.89 1.52 -4.41
N HIS B 494 33.55 1.50 -4.40
CA HIS B 494 32.82 2.11 -3.30
C HIS B 494 33.03 1.33 -2.01
N VAL B 495 33.13 0.01 -2.09
CA VAL B 495 33.44 -0.80 -0.92
C VAL B 495 34.83 -0.44 -0.39
N THR B 496 35.82 -0.42 -1.28
CA THR B 496 37.17 -0.07 -0.85
C THR B 496 37.18 1.31 -0.19
N GLY B 497 36.53 2.29 -0.82
CA GLY B 497 36.52 3.63 -0.29
C GLY B 497 35.82 3.72 1.06
N ALA B 498 34.72 2.97 1.23
CA ALA B 498 34.05 2.94 2.51
C ALA B 498 34.97 2.43 3.61
N TRP B 499 35.72 1.37 3.32
CA TRP B 499 36.67 0.87 4.32
C TRP B 499 37.74 1.92 4.62
N LYS B 500 38.24 2.59 3.58
CA LYS B 500 39.17 3.70 3.79
C LYS B 500 38.59 4.74 4.75
N VAL B 501 37.31 5.09 4.57
CA VAL B 501 36.68 6.09 5.44
C VAL B 501 36.60 5.59 6.88
N VAL B 502 36.19 4.33 7.06
CA VAL B 502 36.13 3.75 8.41
C VAL B 502 37.50 3.80 9.05
N GLN B 503 38.54 3.49 8.29
CA GLN B 503 39.88 3.46 8.85
C GLN B 503 40.38 4.86 9.19
N GLU B 504 40.09 5.85 8.33
CA GLU B 504 40.49 7.22 8.64
C GLU B 504 39.83 7.69 9.94
N HIS B 505 38.53 7.45 10.07
CA HIS B 505 37.84 7.91 11.28
C HIS B 505 38.26 7.12 12.51
N THR B 506 38.60 5.83 12.34
CA THR B 506 39.19 5.08 13.45
C THR B 506 40.52 5.67 13.88
N ASP B 507 41.44 5.84 12.93
CA ASP B 507 42.73 6.45 13.22
C ASP B 507 42.56 7.77 13.97
N ALA B 508 41.65 8.62 13.50
CA ALA B 508 41.49 9.92 14.13
C ALA B 508 40.87 9.82 15.52
N ILE B 509 39.96 8.87 15.73
CA ILE B 509 39.35 8.75 17.05
C ILE B 509 40.32 8.16 18.06
N LEU B 510 41.24 7.30 17.63
CA LEU B 510 42.14 6.59 18.53
C LEU B 510 43.53 7.20 18.59
N GLY B 511 43.76 8.33 17.93
CA GLY B 511 45.04 9.01 17.98
C GLY B 511 46.19 8.14 17.47
#